data_7TUY
#
_entry.id   7TUY
#
_cell.length_a   1.00
_cell.length_b   1.00
_cell.length_c   1.00
_cell.angle_alpha   90.00
_cell.angle_beta   90.00
_cell.angle_gamma   90.00
#
_symmetry.space_group_name_H-M   'P 1'
#
loop_
_entity.id
_entity.type
_entity.pdbx_description
1 polymer 'anti-BRIL Fab Heavy chain'
2 polymer 'anti-Fab Nanobody'
3 polymer 'anti-BRIL Fab Light chain'
4 polymer 'G-protein coupled receptor 183,Soluble cytochrome b562 fusion'
5 non-polymer 8-[(2E)-3-(4-chlorophenyl)prop-2-enoyl]-3-[(3,4-dichlorophenyl)methyl]-1-oxa-3,8-diazaspiro[4.5]decan-2-one
#
loop_
_entity_poly.entity_id
_entity_poly.type
_entity_poly.pdbx_seq_one_letter_code
_entity_poly.pdbx_strand_id
1 'polypeptide(L)'
;EISEVQLVESGGGLVQPGGSLRLSCAASGFNVVDFSLHWVRQAPGKGLEWVAYISSSSGSTSYADSVKGRFTISADTSKN
TAYLQMNSLRAEDTAVYYCARWGYWPGEPWWKAFDYWGQGTLVTVSSASTKGPSVFPLAPSSKSTSGGTAALGCLVKDYF
PEPVTVSWNSGALTSGVHTFPAVLQSSGLYSLSSVVTVPSSSLGTQTYICNVNHKPSNTKVDKKVEPKS
;
H
2 'polypeptide(L)'
;HHHHHHGENLYFQGSQVQLQESGGGLVQPGGSLRLSCAASGRTISRYAMSWFRQAPGKEREFVAVARRSGDGAFYADSVQ
GRFTVSRDDAKNTVYLQMNSLKPEDTAVYYCAIDSDTFYSGSYDYWGQGTQVTVSS
;
K
3 'polypeptide(L)'
;SDIQMTQSPSSLSASVGDRVTITCRASQSVSSAVAWYQQKPGKAPKLLIYSASSLYSGVPSRFSGSRSGTDFTLTISSLQ
PEDFATYYCQQYLYYSLVTFGQGTKVEIKRTVAAPSVFIFPPSDSQLKSGTASVVCLLNNFYPREAKVQWKVDNALQSGN
SQESVTEQDSKDSTYSLSSTLTLSKADYEKHKVYACEVTHQGLSSPVTKSFNRGE
;
L
4 'polypeptide(L)'
;MDIQMANNFTPPSATPQGNDCDLYAHHSTARIVMPLHYSLVFIIGLVGNLLALVVIVQNRKKINSTTLYSTNLVISDILF
TTALPTRIAYYAMGFDWRIGDALCRITALVFYINTYAGVNFMTCLSIDRFIAVVHPLRYNKIKRIEHAKGVCIFVWILVF
AQTLPLLINPMSKQEAERITCMEYPNFEETKSLPWILLGACFIGYVLPLIIILICYSQICCKLFRARRQLADLEDNWETL
NDNLKVIEKADNAAQVKDALTKMRAAALDAQKATPPKLEDKSPDSPEMKDFRHGFDILVGQIDDALKLANEGKVKEAQAA
AEQLKTTRNAYIQKYLERARSTLSGVNKKALNTIILIIVVFVLCFTPYHVAIIQHMIKKLRFSNFLECSQRHSFQISLHF
TVCLMNFNCCMDPFIYFFACKGYKRKVMRMLKRQVSVSISSAVKSAPEENSREMTETQMMIHSKSSNGKDYKDDDDK
;
R
#
loop_
_chem_comp.id
_chem_comp.type
_chem_comp.name
_chem_comp.formula
KKF non-polymer 8-[(2E)-3-(4-chlorophenyl)prop-2-enoyl]-3-[(3,4-dichlorophenyl)methyl]-1-oxa-3,8-diazaspiro[4.5]decan-2-one 'C23 H21 Cl3 N2 O3'
#
# COMPACT_ATOMS: atom_id res chain seq x y z
N GLU A 4 28.05 -16.35 16.36
CA GLU A 4 26.81 -15.90 15.74
C GLU A 4 25.63 -16.13 16.67
N VAL A 5 24.71 -15.17 16.74
CA VAL A 5 23.57 -15.28 17.64
C VAL A 5 22.62 -16.36 17.12
N GLN A 6 22.15 -17.21 18.03
CA GLN A 6 21.45 -18.42 17.61
C GLN A 6 20.63 -18.92 18.79
N LEU A 7 19.31 -18.86 18.68
CA LEU A 7 18.42 -19.30 19.74
C LEU A 7 18.11 -20.78 19.56
N VAL A 8 17.88 -21.48 20.67
CA VAL A 8 17.58 -22.91 20.66
C VAL A 8 16.53 -23.19 21.72
N GLU A 9 15.43 -23.82 21.30
CA GLU A 9 14.40 -24.27 22.24
C GLU A 9 14.56 -25.75 22.51
N SER A 10 13.90 -26.20 23.58
CA SER A 10 13.89 -27.60 23.98
C SER A 10 12.83 -27.78 25.04
N GLY A 11 12.26 -28.98 25.09
CA GLY A 11 11.29 -29.33 26.11
C GLY A 11 9.91 -29.64 25.59
N GLY A 12 9.67 -29.54 24.28
CA GLY A 12 8.36 -29.85 23.75
C GLY A 12 8.08 -31.33 23.72
N GLY A 13 6.80 -31.67 23.61
CA GLY A 13 6.40 -33.06 23.57
C GLY A 13 4.95 -33.22 23.97
N LEU A 14 4.62 -34.43 24.42
CA LEU A 14 3.26 -34.80 24.75
C LEU A 14 3.01 -34.62 26.24
N VAL A 15 1.87 -34.03 26.59
CA VAL A 15 1.45 -33.86 27.97
C VAL A 15 -0.06 -34.10 28.05
N GLN A 16 -0.51 -34.44 29.25
CA GLN A 16 -1.93 -34.59 29.49
C GLN A 16 -2.57 -33.24 29.80
N PRO A 17 -3.85 -33.06 29.47
CA PRO A 17 -4.51 -31.78 29.80
C PRO A 17 -4.57 -31.57 31.31
N GLY A 18 -3.91 -30.51 31.76
CA GLY A 18 -3.75 -30.24 33.17
C GLY A 18 -2.37 -30.56 33.72
N GLY A 19 -1.47 -31.09 32.89
CA GLY A 19 -0.14 -31.47 33.32
C GLY A 19 0.80 -30.28 33.48
N SER A 20 2.09 -30.54 33.26
CA SER A 20 3.10 -29.52 33.39
C SER A 20 4.22 -29.77 32.39
N LEU A 21 4.91 -28.70 32.02
CA LEU A 21 5.98 -28.80 31.03
C LEU A 21 6.93 -27.63 31.23
N ARG A 22 8.18 -27.83 30.80
CA ARG A 22 9.23 -26.82 30.93
C ARG A 22 9.94 -26.66 29.60
N LEU A 23 9.72 -25.52 28.95
CA LEU A 23 10.48 -25.16 27.77
C LEU A 23 11.72 -24.37 28.20
N SER A 24 12.81 -24.53 27.46
CA SER A 24 14.07 -23.88 27.78
C SER A 24 14.64 -23.27 26.52
N CYS A 25 14.85 -21.97 26.53
CA CYS A 25 15.34 -21.23 25.37
C CYS A 25 16.80 -20.87 25.60
N ALA A 26 17.70 -21.76 25.15
CA ALA A 26 19.12 -21.51 25.28
C ALA A 26 19.58 -20.52 24.22
N ALA A 27 20.50 -19.65 24.59
CA ALA A 27 21.01 -18.62 23.70
C ALA A 27 22.52 -18.75 23.56
N SER A 28 23.03 -18.30 22.42
CA SER A 28 24.46 -18.26 22.16
C SER A 28 24.76 -16.99 21.36
N GLY A 29 25.99 -16.52 21.46
CA GLY A 29 26.32 -15.25 20.86
C GLY A 29 26.12 -14.13 21.85
N PHE A 30 24.96 -13.49 21.80
CA PHE A 30 24.61 -12.45 22.76
C PHE A 30 24.42 -13.06 24.16
N ASN A 31 24.26 -12.19 25.14
CA ASN A 31 23.91 -12.59 26.50
C ASN A 31 22.48 -12.17 26.79
N VAL A 32 21.80 -12.98 27.61
CA VAL A 32 20.41 -12.68 27.96
C VAL A 32 20.27 -11.49 28.89
N VAL A 33 21.37 -10.92 29.36
CA VAL A 33 21.29 -9.71 30.18
C VAL A 33 20.98 -8.51 29.31
N ASP A 34 21.62 -8.41 28.15
CA ASP A 34 21.46 -7.26 27.28
C ASP A 34 20.20 -7.29 26.44
N PHE A 35 19.40 -8.34 26.53
CA PHE A 35 18.22 -8.49 25.69
C PHE A 35 17.08 -9.09 26.48
N SER A 36 15.86 -8.77 26.07
CA SER A 36 14.65 -9.34 26.66
C SER A 36 14.19 -10.50 25.80
N LEU A 37 13.95 -11.64 26.42
CA LEU A 37 13.58 -12.85 25.72
C LEU A 37 12.08 -13.07 25.84
N HIS A 38 11.40 -13.19 24.71
CA HIS A 38 9.96 -13.34 24.63
C HIS A 38 9.60 -14.76 24.24
N TRP A 39 8.31 -15.07 24.29
CA TRP A 39 7.80 -16.34 23.82
C TRP A 39 6.58 -16.08 22.96
N VAL A 40 6.68 -16.43 21.68
CA VAL A 40 5.59 -16.30 20.74
C VAL A 40 5.19 -17.71 20.31
N ARG A 41 3.91 -18.03 20.46
CA ARG A 41 3.41 -19.35 20.08
C ARG A 41 2.50 -19.22 18.86
N GLN A 42 2.38 -20.32 18.14
CA GLN A 42 1.58 -20.36 16.92
C GLN A 42 0.80 -21.66 16.89
N ALA A 43 -0.51 -21.58 17.11
CA ALA A 43 -1.36 -22.75 17.06
C ALA A 43 -1.33 -23.36 15.66
N PRO A 44 -1.50 -24.69 15.54
CA PRO A 44 -1.38 -25.33 14.22
C PRO A 44 -2.44 -24.87 13.24
N GLY A 45 -2.01 -24.17 12.20
CA GLY A 45 -2.93 -23.61 11.24
C GLY A 45 -3.53 -22.28 11.65
N LYS A 46 -2.85 -21.53 12.51
CA LYS A 46 -3.33 -20.24 12.98
C LYS A 46 -2.22 -19.22 12.88
N GLY A 47 -2.48 -18.02 13.38
CA GLY A 47 -1.49 -16.96 13.38
C GLY A 47 -0.68 -16.93 14.65
N LEU A 48 0.33 -16.06 14.66
CA LEU A 48 1.20 -15.91 15.81
C LEU A 48 0.50 -15.14 16.92
N GLU A 49 0.86 -15.46 18.16
CA GLU A 49 0.39 -14.69 19.30
C GLU A 49 1.48 -14.61 20.36
N TRP A 50 1.56 -13.47 21.02
CA TRP A 50 2.53 -13.24 22.07
C TRP A 50 2.07 -13.91 23.37
N VAL A 51 3.03 -14.44 24.13
CA VAL A 51 2.67 -15.17 25.34
C VAL A 51 3.25 -14.48 26.57
N ALA A 52 4.57 -14.39 26.65
CA ALA A 52 5.22 -13.85 27.84
C ALA A 52 6.57 -13.26 27.46
N TYR A 53 7.21 -12.61 28.42
CA TYR A 53 8.59 -12.20 28.24
C TYR A 53 9.24 -12.08 29.61
N ILE A 54 10.56 -11.96 29.60
CA ILE A 54 11.31 -11.67 30.81
C ILE A 54 12.45 -10.72 30.44
N SER A 55 12.77 -9.82 31.36
CA SER A 55 13.85 -8.84 31.20
C SER A 55 14.73 -8.97 32.43
N SER A 56 15.71 -9.88 32.36
CA SER A 56 16.54 -10.20 33.52
C SER A 56 17.44 -9.05 33.95
N SER A 57 17.57 -7.99 33.13
CA SER A 57 18.28 -6.80 33.57
C SER A 57 17.57 -6.14 34.73
N SER A 58 16.24 -6.21 34.75
CA SER A 58 15.43 -5.65 35.83
C SER A 58 14.53 -6.68 36.49
N GLY A 59 13.84 -7.48 35.68
CA GLY A 59 12.85 -8.42 36.15
C GLY A 59 11.48 -7.83 35.88
N SER A 60 10.87 -8.21 34.77
CA SER A 60 9.62 -7.63 34.33
C SER A 60 8.73 -8.69 33.71
N THR A 61 8.64 -9.84 34.36
CA THR A 61 7.85 -10.95 33.85
C THR A 61 6.40 -10.56 33.65
N SER A 62 5.99 -10.39 32.40
CA SER A 62 4.59 -10.15 32.06
C SER A 62 4.09 -11.29 31.18
N TYR A 63 2.78 -11.44 31.12
CA TYR A 63 2.18 -12.58 30.44
C TYR A 63 0.98 -12.12 29.64
N ALA A 64 0.59 -12.93 28.67
CA ALA A 64 -0.63 -12.67 27.92
C ALA A 64 -1.84 -12.93 28.82
N ASP A 65 -2.98 -12.35 28.42
CA ASP A 65 -4.18 -12.44 29.24
C ASP A 65 -4.69 -13.86 29.34
N SER A 66 -4.41 -14.71 28.36
CA SER A 66 -4.91 -16.07 28.36
C SER A 66 -3.99 -17.06 29.06
N VAL A 67 -2.83 -16.62 29.54
CA VAL A 67 -1.89 -17.53 30.20
C VAL A 67 -1.47 -16.95 31.55
N LYS A 68 -2.12 -15.89 31.99
CA LYS A 68 -1.80 -15.29 33.28
C LYS A 68 -2.19 -16.25 34.41
N GLY A 69 -1.32 -16.36 35.41
CA GLY A 69 -1.53 -17.27 36.51
C GLY A 69 -1.26 -18.72 36.21
N ARG A 70 -1.01 -19.08 34.96
CA ARG A 70 -0.73 -20.46 34.57
C ARG A 70 0.67 -20.67 34.04
N PHE A 71 1.32 -19.64 33.49
CA PHE A 71 2.68 -19.73 33.01
C PHE A 71 3.58 -18.90 33.91
N THR A 72 4.84 -19.32 34.03
CA THR A 72 5.85 -18.57 34.78
C THR A 72 7.15 -18.63 34.01
N ILE A 73 7.71 -17.46 33.72
CA ILE A 73 8.92 -17.35 32.90
C ILE A 73 10.09 -17.01 33.81
N SER A 74 11.20 -17.72 33.64
CA SER A 74 12.40 -17.51 34.43
C SER A 74 13.59 -17.34 33.48
N ALA A 75 14.66 -16.76 34.00
CA ALA A 75 15.88 -16.57 33.23
C ALA A 75 17.07 -16.79 34.15
N ASP A 76 17.75 -17.91 33.98
CA ASP A 76 18.96 -18.22 34.75
C ASP A 76 20.14 -17.75 33.90
N THR A 77 20.55 -16.50 34.11
CA THR A 77 21.59 -15.89 33.28
C THR A 77 22.96 -16.49 33.50
N SER A 78 23.15 -17.30 34.54
CA SER A 78 24.40 -18.05 34.66
C SER A 78 24.50 -19.12 33.59
N LYS A 79 23.36 -19.69 33.18
CA LYS A 79 23.30 -20.63 32.07
C LYS A 79 23.08 -19.94 30.72
N ASN A 80 22.77 -18.63 30.74
CA ASN A 80 22.47 -17.84 29.54
C ASN A 80 21.24 -18.37 28.79
N THR A 81 20.31 -18.97 29.51
CA THR A 81 19.06 -19.46 28.94
C THR A 81 17.87 -18.78 29.60
N ALA A 82 16.70 -19.02 29.03
CA ALA A 82 15.43 -18.60 29.61
C ALA A 82 14.47 -19.78 29.62
N TYR A 83 13.65 -19.85 30.65
CA TYR A 83 12.74 -20.96 30.83
C TYR A 83 11.30 -20.46 30.82
N LEU A 84 10.38 -21.36 30.45
CA LEU A 84 8.95 -21.09 30.51
C LEU A 84 8.29 -22.31 31.14
N GLN A 85 7.77 -22.14 32.34
CA GLN A 85 7.13 -23.23 33.06
C GLN A 85 5.65 -23.23 32.72
N MET A 86 5.23 -24.18 31.90
CA MET A 86 3.84 -24.32 31.49
C MET A 86 3.21 -25.44 32.31
N ASN A 87 2.36 -25.07 33.26
CA ASN A 87 1.57 -26.03 34.02
C ASN A 87 0.10 -25.63 33.94
N SER A 88 -0.76 -26.57 34.35
CA SER A 88 -2.21 -26.47 34.19
C SER A 88 -2.58 -26.23 32.72
N LEU A 89 -2.00 -27.05 31.85
CA LEU A 89 -2.14 -26.86 30.42
C LEU A 89 -3.53 -27.24 29.95
N ARG A 90 -4.18 -26.34 29.21
CA ARG A 90 -5.48 -26.62 28.62
C ARG A 90 -5.29 -27.25 27.23
N ALA A 91 -6.41 -27.52 26.56
CA ALA A 91 -6.35 -28.24 25.29
C ALA A 91 -5.88 -27.33 24.16
N GLU A 92 -6.28 -26.06 24.20
CA GLU A 92 -5.90 -25.10 23.17
C GLU A 92 -4.50 -24.55 23.36
N ASP A 93 -3.71 -25.14 24.24
CA ASP A 93 -2.33 -24.74 24.46
C ASP A 93 -1.34 -25.51 23.61
N THR A 94 -1.82 -26.34 22.68
CA THR A 94 -0.92 -27.02 21.76
C THR A 94 -0.58 -26.09 20.61
N ALA A 95 0.71 -25.91 20.38
CA ALA A 95 1.21 -24.94 19.41
C ALA A 95 2.71 -25.19 19.23
N VAL A 96 3.33 -24.33 18.43
CA VAL A 96 4.78 -24.28 18.30
C VAL A 96 5.25 -23.02 19.01
N TYR A 97 6.06 -23.19 20.05
CA TYR A 97 6.48 -22.08 20.89
C TYR A 97 7.84 -21.59 20.43
N TYR A 98 7.87 -20.43 19.80
CA TYR A 98 9.10 -19.79 19.40
C TYR A 98 9.64 -18.94 20.53
N CYS A 99 10.94 -18.70 20.48
CA CYS A 99 11.61 -17.84 21.46
C CYS A 99 12.31 -16.72 20.70
N ALA A 100 12.05 -15.49 21.09
CA ALA A 100 12.49 -14.34 20.35
C ALA A 100 13.45 -13.51 21.19
N ARG A 101 13.84 -12.35 20.66
CA ARG A 101 14.86 -11.53 21.28
C ARG A 101 14.59 -10.07 20.93
N TRP A 102 14.64 -9.20 21.94
CA TRP A 102 14.26 -7.81 21.77
C TRP A 102 15.19 -6.95 22.59
N GLY A 103 15.78 -5.93 21.96
CA GLY A 103 16.76 -5.10 22.63
C GLY A 103 16.12 -4.03 23.50
N TYR A 104 16.89 -3.56 24.47
CA TYR A 104 16.40 -2.56 25.39
C TYR A 104 16.37 -1.18 24.77
N TRP A 105 15.58 -0.32 25.36
CA TRP A 105 15.49 1.11 25.06
C TRP A 105 16.61 1.84 25.80
N PRO A 106 17.21 2.89 25.22
CA PRO A 106 16.97 3.59 23.96
C PRO A 106 17.84 3.14 22.79
N GLY A 107 17.37 3.40 21.58
CA GLY A 107 18.18 3.31 20.40
C GLY A 107 17.65 2.28 19.43
N GLU A 108 18.50 1.92 18.48
CA GLU A 108 18.20 0.92 17.46
C GLU A 108 18.02 -0.51 17.96
N PRO A 109 18.63 -0.95 19.08
CA PRO A 109 18.27 -2.28 19.59
C PRO A 109 16.80 -2.43 19.95
N TRP A 110 16.15 -1.36 20.42
CA TRP A 110 14.72 -1.45 20.68
C TRP A 110 13.92 -1.33 19.41
N TRP A 111 14.36 -0.48 18.48
CA TRP A 111 13.54 -0.18 17.30
C TRP A 111 13.45 -1.39 16.38
N LYS A 112 14.43 -2.28 16.43
CA LYS A 112 14.25 -3.59 15.82
C LYS A 112 13.37 -4.44 16.71
N ALA A 113 12.41 -5.10 16.10
CA ALA A 113 11.50 -6.00 16.80
C ALA A 113 12.22 -7.32 17.06
N PHE A 114 11.48 -8.39 17.32
CA PHE A 114 12.11 -9.69 17.37
C PHE A 114 12.84 -9.95 16.06
N ASP A 115 14.17 -9.94 16.10
CA ASP A 115 14.98 -10.10 14.91
C ASP A 115 15.63 -11.47 14.80
N TYR A 116 15.89 -12.13 15.92
CA TYR A 116 16.46 -13.48 15.91
C TYR A 116 15.53 -14.38 16.70
N TRP A 117 14.83 -15.26 15.98
CA TRP A 117 13.91 -16.22 16.57
C TRP A 117 14.60 -17.57 16.73
N GLY A 118 14.00 -18.41 17.55
CA GLY A 118 14.43 -19.80 17.62
C GLY A 118 13.81 -20.60 16.49
N GLN A 119 14.04 -21.91 16.55
CA GLN A 119 13.41 -22.78 15.56
C GLN A 119 12.02 -23.24 15.98
N GLY A 120 11.66 -23.03 17.25
CA GLY A 120 10.35 -23.42 17.72
C GLY A 120 10.27 -24.88 18.10
N THR A 121 9.69 -25.17 19.26
CA THR A 121 9.46 -26.53 19.70
C THR A 121 7.96 -26.76 19.81
N LEU A 122 7.51 -27.94 19.39
CA LEU A 122 6.09 -28.25 19.32
C LEU A 122 5.67 -29.02 20.56
N VAL A 123 4.61 -28.55 21.20
CA VAL A 123 4.02 -29.25 22.33
C VAL A 123 2.67 -29.79 21.89
N THR A 124 2.25 -30.89 22.53
CA THR A 124 1.00 -31.56 22.20
C THR A 124 0.26 -31.87 23.49
N VAL A 125 -0.85 -31.18 23.71
CA VAL A 125 -1.70 -31.42 24.87
C VAL A 125 -2.82 -32.33 24.40
N SER A 126 -2.77 -33.60 24.80
CA SER A 126 -3.78 -34.56 24.42
C SER A 126 -4.02 -35.52 25.57
N SER A 127 -5.22 -36.12 25.58
CA SER A 127 -5.58 -37.14 26.55
C SER A 127 -5.59 -38.53 25.92
N ALA A 128 -5.12 -38.66 24.69
CA ALA A 128 -5.08 -39.93 23.98
C ALA A 128 -3.72 -40.58 24.10
N SER A 129 -3.69 -41.89 23.89
CA SER A 129 -2.47 -42.67 23.99
C SER A 129 -2.02 -43.11 22.59
N THR A 130 -0.87 -43.75 22.54
CA THR A 130 -0.30 -44.19 21.26
C THR A 130 -1.06 -45.41 20.75
N LYS A 131 -1.44 -45.36 19.47
CA LYS A 131 -2.07 -46.50 18.82
C LYS A 131 -1.76 -46.45 17.33
N GLY A 132 -1.81 -47.61 16.70
CA GLY A 132 -1.51 -47.72 15.29
C GLY A 132 -2.69 -47.37 14.43
N PRO A 133 -2.43 -47.18 13.13
CA PRO A 133 -3.49 -46.82 12.20
C PRO A 133 -4.15 -48.04 11.56
N SER A 134 -5.43 -47.86 11.25
CA SER A 134 -6.22 -48.87 10.56
C SER A 134 -6.42 -48.40 9.12
N VAL A 135 -5.63 -48.96 8.21
CA VAL A 135 -5.68 -48.55 6.81
C VAL A 135 -6.88 -49.18 6.13
N PHE A 136 -7.71 -48.35 5.50
CA PHE A 136 -8.88 -48.80 4.79
C PHE A 136 -8.80 -48.37 3.32
N PRO A 137 -9.20 -49.24 2.39
CA PRO A 137 -9.09 -48.88 0.98
C PRO A 137 -10.20 -47.95 0.53
N LEU A 138 -9.87 -47.10 -0.45
CA LEU A 138 -10.83 -46.27 -1.15
C LEU A 138 -10.93 -46.84 -2.57
N ALA A 139 -11.80 -47.82 -2.74
CA ALA A 139 -11.82 -48.55 -3.99
C ALA A 139 -12.65 -47.82 -5.03
N PRO A 140 -12.17 -47.75 -6.27
CA PRO A 140 -12.98 -47.17 -7.35
C PRO A 140 -13.77 -48.23 -8.08
N SER A 141 -14.93 -47.82 -8.57
CA SER A 141 -15.78 -48.73 -9.32
C SER A 141 -15.34 -48.78 -10.78
N SER A 142 -15.93 -49.72 -11.52
CA SER A 142 -15.67 -49.80 -12.95
C SER A 142 -16.33 -48.66 -13.71
N LYS A 143 -17.35 -48.04 -13.13
CA LYS A 143 -18.04 -46.90 -13.72
C LYS A 143 -17.36 -45.58 -13.41
N SER A 144 -16.19 -45.61 -12.75
CA SER A 144 -15.51 -44.40 -12.30
C SER A 144 -14.80 -43.77 -13.50
N THR A 145 -15.59 -43.13 -14.36
CA THR A 145 -15.14 -42.45 -15.57
C THR A 145 -14.34 -43.41 -16.47
N SER A 146 -15.09 -44.36 -17.03
CA SER A 146 -14.51 -45.35 -17.93
C SER A 146 -14.12 -44.67 -19.24
N GLY A 147 -12.84 -44.38 -19.39
CA GLY A 147 -12.34 -43.69 -20.57
C GLY A 147 -11.36 -42.59 -20.23
N GLY A 148 -11.53 -41.95 -19.07
CA GLY A 148 -10.62 -40.93 -18.63
C GLY A 148 -9.64 -41.42 -17.59
N THR A 149 -9.69 -40.84 -16.39
CA THR A 149 -8.89 -41.28 -15.27
C THR A 149 -9.79 -41.60 -14.09
N ALA A 150 -9.34 -42.54 -13.26
CA ALA A 150 -10.10 -42.99 -12.09
C ALA A 150 -9.24 -42.79 -10.85
N ALA A 151 -9.76 -42.04 -9.89
CA ALA A 151 -9.01 -41.78 -8.67
C ALA A 151 -9.00 -43.02 -7.77
N LEU A 152 -7.95 -43.13 -6.97
CA LEU A 152 -7.73 -44.30 -6.14
C LEU A 152 -6.93 -43.88 -4.92
N GLY A 153 -7.34 -44.36 -3.75
CA GLY A 153 -6.63 -44.01 -2.54
C GLY A 153 -6.89 -45.02 -1.43
N CYS A 154 -6.39 -44.68 -0.25
CA CYS A 154 -6.62 -45.50 0.93
C CYS A 154 -6.68 -44.60 2.15
N LEU A 155 -7.55 -44.95 3.09
CA LEU A 155 -7.85 -44.13 4.26
C LEU A 155 -7.04 -44.60 5.46
N VAL A 156 -6.29 -43.69 6.06
CA VAL A 156 -5.43 -43.99 7.20
C VAL A 156 -5.97 -43.18 8.37
N LYS A 157 -6.81 -43.80 9.20
CA LYS A 157 -7.47 -43.08 10.28
C LYS A 157 -7.22 -43.78 11.61
N ASP A 158 -7.59 -43.08 12.68
CA ASP A 158 -7.52 -43.56 14.06
C ASP A 158 -6.10 -43.97 14.44
N TYR A 159 -5.22 -42.98 14.45
CA TYR A 159 -3.84 -43.19 14.88
C TYR A 159 -3.38 -42.02 15.74
N PHE A 160 -2.31 -42.25 16.49
CA PHE A 160 -1.71 -41.27 17.38
C PHE A 160 -0.32 -41.77 17.79
N PRO A 161 0.70 -40.89 17.86
CA PRO A 161 0.70 -39.44 17.63
C PRO A 161 0.75 -39.02 16.16
N GLU A 162 1.24 -37.79 15.94
CA GLU A 162 1.06 -37.12 14.65
C GLU A 162 1.75 -37.80 13.48
N PRO A 163 3.08 -37.95 13.44
CA PRO A 163 3.75 -38.17 12.15
C PRO A 163 3.50 -39.56 11.57
N VAL A 164 2.91 -39.59 10.38
CA VAL A 164 2.76 -40.80 9.57
C VAL A 164 3.01 -40.42 8.12
N THR A 165 3.89 -41.16 7.46
CA THR A 165 4.15 -40.97 6.04
C THR A 165 3.59 -42.15 5.26
N VAL A 166 3.08 -41.87 4.06
CA VAL A 166 2.44 -42.86 3.22
C VAL A 166 3.06 -42.78 1.83
N SER A 167 3.41 -43.95 1.28
CA SER A 167 3.95 -44.03 -0.08
C SER A 167 3.26 -45.18 -0.81
N TRP A 168 3.17 -45.06 -2.13
CA TRP A 168 2.47 -46.02 -2.97
C TRP A 168 3.47 -46.87 -3.74
N ASN A 169 3.32 -48.20 -3.62
CA ASN A 169 4.17 -49.17 -4.30
C ASN A 169 5.65 -48.97 -3.95
N SER A 170 5.91 -48.71 -2.67
CA SER A 170 7.26 -48.51 -2.14
C SER A 170 7.98 -47.36 -2.85
N GLY A 171 7.29 -46.24 -3.01
CA GLY A 171 7.87 -45.07 -3.64
C GLY A 171 7.89 -45.09 -5.15
N ALA A 172 7.31 -46.11 -5.79
CA ALA A 172 7.30 -46.15 -7.25
C ALA A 172 6.32 -45.14 -7.83
N LEU A 173 5.17 -44.96 -7.19
CA LEU A 173 4.16 -43.99 -7.64
C LEU A 173 4.41 -42.67 -6.93
N THR A 174 4.91 -41.69 -7.67
CA THR A 174 5.05 -40.33 -7.17
C THR A 174 4.28 -39.30 -7.99
N SER A 175 3.71 -39.69 -9.12
CA SER A 175 2.98 -38.78 -9.98
C SER A 175 1.49 -38.87 -9.66
N GLY A 176 0.88 -37.73 -9.36
CA GLY A 176 -0.53 -37.69 -9.03
C GLY A 176 -0.89 -38.14 -7.63
N VAL A 177 0.10 -38.37 -6.78
CA VAL A 177 -0.14 -38.80 -5.40
C VAL A 177 -0.33 -37.57 -4.53
N HIS A 178 -1.53 -37.43 -3.96
CA HIS A 178 -1.83 -36.37 -3.03
C HIS A 178 -2.04 -36.98 -1.65
N THR A 179 -1.22 -36.58 -0.69
CA THR A 179 -1.38 -36.99 0.71
C THR A 179 -1.89 -35.80 1.49
N PHE A 180 -3.00 -35.98 2.12
CA PHE A 180 -3.67 -34.84 2.73
C PHE A 180 -3.14 -34.60 4.15
N PRO A 181 -3.17 -33.35 4.60
CA PRO A 181 -2.78 -33.07 5.99
C PRO A 181 -3.69 -33.80 6.96
N ALA A 182 -3.10 -34.27 8.06
CA ALA A 182 -3.83 -35.02 9.06
C ALA A 182 -4.80 -34.11 9.78
N VAL A 183 -6.08 -34.46 9.74
CA VAL A 183 -7.10 -33.73 10.47
C VAL A 183 -7.32 -34.41 11.81
N LEU A 184 -7.58 -33.61 12.84
CA LEU A 184 -7.74 -34.11 14.19
C LEU A 184 -9.20 -34.49 14.39
N GLN A 185 -9.46 -35.77 14.59
CA GLN A 185 -10.83 -36.27 14.69
C GLN A 185 -11.46 -35.86 16.01
N SER A 186 -12.78 -36.08 16.10
CA SER A 186 -13.53 -35.67 17.29
C SER A 186 -13.18 -36.49 18.52
N SER A 187 -12.52 -37.64 18.35
CA SER A 187 -12.12 -38.49 19.46
C SER A 187 -10.68 -38.26 19.90
N GLY A 188 -10.08 -37.15 19.48
CA GLY A 188 -8.69 -36.87 19.79
C GLY A 188 -7.69 -37.61 18.93
N LEU A 189 -8.14 -38.48 18.03
CA LEU A 189 -7.26 -39.22 17.15
C LEU A 189 -7.06 -38.45 15.84
N TYR A 190 -6.14 -38.94 15.02
CA TYR A 190 -5.85 -38.33 13.73
C TYR A 190 -6.36 -39.22 12.60
N SER A 191 -6.80 -38.57 11.53
CA SER A 191 -7.28 -39.25 10.33
C SER A 191 -6.58 -38.66 9.13
N LEU A 192 -6.31 -39.49 8.13
CA LEU A 192 -5.51 -39.07 6.99
C LEU A 192 -5.92 -39.88 5.77
N SER A 193 -5.87 -39.25 4.60
CA SER A 193 -6.17 -39.89 3.34
C SER A 193 -5.06 -39.60 2.35
N SER A 194 -4.67 -40.60 1.57
CA SER A 194 -3.70 -40.42 0.50
C SER A 194 -4.28 -41.05 -0.76
N VAL A 195 -4.40 -40.26 -1.81
CA VAL A 195 -5.02 -40.72 -3.05
C VAL A 195 -4.05 -40.54 -4.20
N VAL A 196 -4.26 -41.33 -5.25
CA VAL A 196 -3.45 -41.25 -6.47
C VAL A 196 -4.39 -41.33 -7.66
N THR A 197 -4.11 -40.53 -8.69
CA THR A 197 -4.94 -40.48 -9.89
C THR A 197 -4.24 -41.25 -11.01
N VAL A 198 -4.55 -42.54 -11.11
CA VAL A 198 -3.98 -43.41 -12.13
C VAL A 198 -5.04 -43.60 -13.23
N PRO A 199 -4.63 -43.85 -14.49
CA PRO A 199 -5.62 -43.85 -15.58
C PRO A 199 -6.56 -45.05 -15.60
N SER A 200 -7.39 -45.09 -16.63
CA SER A 200 -8.45 -46.09 -16.80
C SER A 200 -7.90 -47.40 -17.33
N SER A 201 -8.80 -48.24 -17.88
CA SER A 201 -8.48 -49.55 -18.43
C SER A 201 -8.00 -50.50 -17.33
N SER A 202 -8.94 -50.78 -16.41
CA SER A 202 -8.73 -51.65 -15.26
C SER A 202 -7.63 -51.10 -14.36
N LEU A 203 -7.58 -49.77 -14.27
CA LEU A 203 -6.62 -49.05 -13.43
C LEU A 203 -5.17 -49.37 -13.82
N GLY A 204 -4.95 -49.66 -15.10
CA GLY A 204 -3.65 -50.08 -15.58
C GLY A 204 -3.26 -51.49 -15.24
N THR A 205 -4.14 -52.25 -14.57
CA THR A 205 -3.91 -53.65 -14.18
C THR A 205 -2.66 -53.81 -13.33
N GLN A 206 -2.39 -52.86 -12.45
CA GLN A 206 -1.33 -52.99 -11.45
C GLN A 206 -1.96 -53.10 -10.08
N THR A 207 -1.45 -54.01 -9.26
CA THR A 207 -1.93 -54.18 -7.89
C THR A 207 -1.33 -53.07 -7.02
N TYR A 208 -2.01 -51.93 -6.99
CA TYR A 208 -1.54 -50.80 -6.20
C TYR A 208 -1.63 -51.11 -4.71
N ILE A 209 -0.61 -50.70 -3.97
CA ILE A 209 -0.59 -50.82 -2.52
C ILE A 209 -0.12 -49.50 -1.94
N CYS A 210 -0.72 -49.09 -0.83
CA CYS A 210 -0.28 -47.90 -0.11
C CYS A 210 0.50 -48.36 1.11
N ASN A 211 1.80 -48.03 1.14
CA ASN A 211 2.67 -48.42 2.23
C ASN A 211 2.52 -47.41 3.36
N VAL A 212 1.92 -47.84 4.47
CA VAL A 212 1.67 -46.99 5.62
C VAL A 212 2.54 -47.48 6.77
N ASN A 213 3.43 -46.62 7.24
CA ASN A 213 4.29 -46.93 8.38
C ASN A 213 4.17 -45.85 9.44
N HIS A 214 3.88 -46.28 10.67
CA HIS A 214 3.72 -45.39 11.81
C HIS A 214 4.81 -45.75 12.83
N LYS A 215 5.90 -44.99 12.81
CA LYS A 215 7.08 -45.29 13.61
C LYS A 215 6.87 -45.16 15.12
N PRO A 216 6.15 -44.15 15.63
CA PRO A 216 5.89 -44.13 17.09
C PRO A 216 5.03 -45.28 17.60
N SER A 217 4.41 -46.08 16.72
CA SER A 217 3.69 -47.27 17.15
C SER A 217 4.25 -48.53 16.52
N ASN A 218 5.30 -48.42 15.69
CA ASN A 218 5.95 -49.54 15.03
C ASN A 218 4.97 -50.37 14.22
N THR A 219 4.03 -49.70 13.56
CA THR A 219 3.06 -50.35 12.69
C THR A 219 3.44 -50.08 11.24
N LYS A 220 3.40 -51.13 10.42
CA LYS A 220 3.78 -51.03 9.01
C LYS A 220 2.77 -51.74 8.14
N VAL A 221 1.48 -51.46 8.37
CA VAL A 221 0.41 -52.06 7.58
C VAL A 221 0.48 -51.54 6.15
N ASP A 222 0.58 -52.46 5.19
CA ASP A 222 0.62 -52.14 3.77
C ASP A 222 -0.58 -52.80 3.11
N LYS A 223 -1.72 -52.11 3.13
CA LYS A 223 -2.94 -52.65 2.54
C LYS A 223 -2.90 -52.52 1.02
N LYS A 224 -3.73 -53.33 0.38
CA LYS A 224 -3.86 -53.31 -1.07
C LYS A 224 -5.23 -52.77 -1.45
N VAL A 225 -5.33 -52.22 -2.67
CA VAL A 225 -6.56 -51.65 -3.19
C VAL A 225 -6.91 -52.34 -4.50
N GLU A 226 -8.18 -52.68 -4.65
CA GLU A 226 -8.67 -53.39 -5.82
C GLU A 226 -9.91 -52.68 -6.35
N PRO A 227 -10.12 -52.68 -7.66
CA PRO A 227 -11.29 -52.02 -8.23
C PRO A 227 -12.57 -52.79 -7.92
N LYS A 228 -13.69 -52.16 -8.27
CA LYS A 228 -15.00 -52.74 -8.02
C LYS A 228 -15.76 -52.99 -9.32
N GLN B 16 -35.12 -12.30 -6.47
CA GLN B 16 -35.86 -11.05 -6.60
C GLN B 16 -35.02 -10.00 -7.32
N VAL B 17 -33.70 -10.24 -7.36
CA VAL B 17 -32.75 -9.33 -7.98
C VAL B 17 -32.21 -10.03 -9.23
N GLN B 18 -32.59 -9.53 -10.40
CA GLN B 18 -32.10 -10.05 -11.66
C GLN B 18 -31.22 -9.00 -12.32
N LEU B 19 -30.43 -9.45 -13.30
CA LEU B 19 -29.48 -8.59 -13.98
C LEU B 19 -29.62 -8.74 -15.48
N GLN B 20 -29.22 -7.71 -16.20
CA GLN B 20 -29.26 -7.70 -17.65
C GLN B 20 -27.90 -7.34 -18.21
N GLU B 21 -27.62 -7.90 -19.38
CA GLU B 21 -26.31 -7.81 -20.02
C GLU B 21 -26.42 -7.04 -21.34
N SER B 22 -25.27 -6.53 -21.78
CA SER B 22 -25.20 -5.71 -22.98
C SER B 22 -24.21 -6.31 -23.97
N GLY B 23 -23.85 -5.55 -25.00
CA GLY B 23 -22.84 -6.00 -25.95
C GLY B 23 -23.35 -7.07 -26.89
N GLY B 24 -22.48 -7.45 -27.82
CA GLY B 24 -22.76 -8.47 -28.80
C GLY B 24 -22.31 -8.06 -30.18
N GLY B 25 -22.73 -8.81 -31.17
CA GLY B 25 -22.44 -8.48 -32.55
C GLY B 25 -21.65 -9.52 -33.32
N LEU B 26 -21.69 -9.45 -34.64
CA LEU B 26 -20.94 -10.35 -35.51
C LEU B 26 -19.67 -9.63 -35.93
N VAL B 27 -18.57 -9.93 -35.24
CA VAL B 27 -17.29 -9.31 -35.50
C VAL B 27 -16.36 -10.33 -36.14
N GLN B 28 -15.55 -9.90 -37.09
CA GLN B 28 -14.62 -10.77 -37.78
C GLN B 28 -13.45 -11.13 -36.86
N PRO B 29 -12.69 -12.18 -37.20
CA PRO B 29 -11.51 -12.54 -36.40
C PRO B 29 -10.52 -11.39 -36.25
N GLY B 30 -9.78 -11.42 -35.16
CA GLY B 30 -8.88 -10.35 -34.80
C GLY B 30 -9.55 -9.09 -34.28
N GLY B 31 -10.88 -9.07 -34.20
CA GLY B 31 -11.61 -7.89 -33.77
C GLY B 31 -11.59 -7.69 -32.28
N SER B 32 -12.68 -7.10 -31.77
CA SER B 32 -12.79 -6.80 -30.35
C SER B 32 -14.25 -6.47 -30.03
N LEU B 33 -14.58 -6.58 -28.75
CA LEU B 33 -15.86 -6.15 -28.21
C LEU B 33 -15.63 -5.57 -26.82
N ARG B 34 -16.73 -5.24 -26.16
CA ARG B 34 -16.70 -4.95 -24.73
C ARG B 34 -18.07 -5.28 -24.16
N LEU B 35 -18.18 -6.47 -23.57
CA LEU B 35 -19.42 -6.89 -22.96
C LEU B 35 -19.68 -6.09 -21.69
N SER B 36 -20.88 -6.25 -21.14
CA SER B 36 -21.22 -5.64 -19.85
C SER B 36 -22.52 -6.26 -19.36
N CYS B 37 -22.51 -6.75 -18.11
CA CYS B 37 -23.73 -7.17 -17.44
C CYS B 37 -24.01 -6.20 -16.30
N ALA B 38 -25.24 -5.70 -16.24
CA ALA B 38 -25.63 -4.69 -15.27
C ALA B 38 -26.63 -5.28 -14.29
N ALA B 39 -26.37 -5.11 -13.00
CA ALA B 39 -27.22 -5.67 -11.95
C ALA B 39 -28.23 -4.64 -11.49
N SER B 40 -29.47 -5.08 -11.32
CA SER B 40 -30.57 -4.21 -10.92
C SER B 40 -31.20 -4.76 -9.65
N GLY B 41 -31.07 -4.02 -8.55
CA GLY B 41 -31.71 -4.37 -7.30
C GLY B 41 -30.78 -4.75 -6.17
N ARG B 42 -29.47 -4.80 -6.40
CA ARG B 42 -28.54 -5.17 -5.35
C ARG B 42 -27.20 -4.51 -5.60
N THR B 43 -26.42 -4.39 -4.55
CA THR B 43 -25.06 -3.86 -4.65
C THR B 43 -24.10 -4.96 -5.13
N ILE B 44 -22.99 -4.51 -5.70
CA ILE B 44 -21.99 -5.41 -6.27
C ILE B 44 -20.66 -5.33 -5.56
N SER B 45 -20.35 -4.21 -4.87
CA SER B 45 -19.02 -3.97 -4.32
C SER B 45 -18.58 -5.01 -3.30
N ARG B 46 -19.48 -5.84 -2.81
CA ARG B 46 -19.11 -6.89 -1.86
C ARG B 46 -19.28 -8.29 -2.44
N TYR B 47 -19.72 -8.44 -3.68
CA TYR B 47 -19.91 -9.73 -4.31
C TYR B 47 -18.85 -9.93 -5.40
N ALA B 48 -18.94 -11.06 -6.10
CA ALA B 48 -18.02 -11.41 -7.17
C ALA B 48 -18.83 -11.72 -8.42
N MET B 49 -18.48 -11.08 -9.53
CA MET B 49 -19.19 -11.22 -10.79
C MET B 49 -18.34 -12.02 -11.76
N SER B 50 -18.91 -13.12 -12.28
CA SER B 50 -18.18 -14.02 -13.15
C SER B 50 -18.91 -14.19 -14.48
N TRP B 51 -18.14 -14.37 -15.54
CA TRP B 51 -18.66 -14.51 -16.89
C TRP B 51 -18.63 -15.98 -17.30
N PHE B 52 -19.55 -16.36 -18.18
CA PHE B 52 -19.59 -17.73 -18.66
C PHE B 52 -19.75 -17.77 -20.18
N ARG B 53 -20.00 -18.95 -20.73
CA ARG B 53 -19.95 -19.13 -22.17
C ARG B 53 -20.61 -20.45 -22.54
N GLN B 54 -21.49 -20.43 -23.54
CA GLN B 54 -22.15 -21.65 -23.99
C GLN B 54 -22.09 -21.70 -25.51
N ALA B 55 -21.30 -22.60 -26.04
CA ALA B 55 -21.29 -22.86 -27.47
C ALA B 55 -22.43 -23.81 -27.82
N PRO B 56 -22.89 -23.80 -29.07
CA PRO B 56 -23.93 -24.77 -29.46
C PRO B 56 -23.38 -26.18 -29.51
N GLY B 57 -23.73 -26.99 -28.51
CA GLY B 57 -23.23 -28.35 -28.35
C GLY B 57 -22.37 -28.53 -27.11
N LYS B 58 -21.71 -27.46 -26.65
CA LYS B 58 -20.84 -27.49 -25.49
C LYS B 58 -21.55 -26.82 -24.32
N GLU B 59 -21.43 -27.40 -23.14
CA GLU B 59 -22.28 -27.03 -22.01
C GLU B 59 -21.52 -26.13 -21.04
N ARG B 60 -21.71 -24.82 -21.20
CA ARG B 60 -21.54 -23.83 -20.13
C ARG B 60 -20.12 -23.83 -19.55
N GLU B 61 -19.17 -23.46 -20.39
CA GLU B 61 -17.79 -23.34 -19.95
C GLU B 61 -17.59 -22.05 -19.17
N PHE B 62 -16.47 -21.99 -18.45
CA PHE B 62 -16.10 -20.82 -17.66
C PHE B 62 -15.19 -19.91 -18.49
N VAL B 63 -15.27 -18.61 -18.21
CA VAL B 63 -14.42 -17.65 -18.92
C VAL B 63 -13.59 -16.83 -17.95
N ALA B 64 -14.25 -16.14 -17.02
CA ALA B 64 -13.53 -15.21 -16.16
C ALA B 64 -14.36 -14.91 -14.93
N VAL B 65 -13.72 -14.27 -13.95
CA VAL B 65 -14.37 -13.91 -12.70
C VAL B 65 -13.65 -12.70 -12.12
N ALA B 66 -14.42 -11.76 -11.58
CA ALA B 66 -13.88 -10.59 -10.92
C ALA B 66 -14.16 -10.69 -9.43
N ARG B 67 -13.10 -10.64 -8.62
CA ARG B 67 -13.26 -10.65 -7.17
C ARG B 67 -13.69 -9.26 -6.70
N ARG B 68 -13.75 -9.06 -5.39
CA ARG B 68 -14.41 -7.90 -4.79
C ARG B 68 -13.79 -6.56 -5.20
N SER B 69 -12.55 -6.31 -4.78
CA SER B 69 -11.92 -5.01 -5.04
C SER B 69 -10.41 -5.20 -4.98
N GLY B 70 -9.79 -5.31 -6.15
CA GLY B 70 -8.35 -5.38 -6.25
C GLY B 70 -7.72 -6.61 -5.64
N ASP B 71 -8.51 -7.58 -5.20
CA ASP B 71 -7.99 -8.79 -4.60
C ASP B 71 -8.02 -9.99 -5.54
N GLY B 72 -8.43 -9.80 -6.79
CA GLY B 72 -8.33 -10.89 -7.74
C GLY B 72 -9.14 -10.74 -9.01
N ALA B 73 -8.65 -11.36 -10.08
CA ALA B 73 -9.38 -11.47 -11.34
C ALA B 73 -8.79 -12.66 -12.08
N PHE B 74 -9.57 -13.73 -12.22
CA PHE B 74 -9.05 -15.00 -12.73
C PHE B 74 -9.76 -15.37 -14.02
N TYR B 75 -8.99 -15.88 -14.98
CA TYR B 75 -9.51 -16.26 -16.28
C TYR B 75 -9.25 -17.74 -16.53
N ALA B 76 -10.06 -18.32 -17.42
CA ALA B 76 -9.86 -19.71 -17.78
C ALA B 76 -8.60 -19.86 -18.63
N ASP B 77 -8.20 -21.10 -18.85
CA ASP B 77 -6.93 -21.34 -19.55
C ASP B 77 -7.03 -21.04 -21.03
N SER B 78 -8.22 -21.17 -21.62
CA SER B 78 -8.38 -20.91 -23.04
C SER B 78 -8.33 -19.42 -23.34
N VAL B 79 -8.96 -18.60 -22.51
CA VAL B 79 -9.05 -17.17 -22.76
C VAL B 79 -7.98 -16.40 -21.98
N GLN B 80 -6.95 -17.09 -21.51
CA GLN B 80 -5.92 -16.43 -20.70
C GLN B 80 -5.07 -15.52 -21.57
N GLY B 81 -5.08 -14.22 -21.25
CA GLY B 81 -4.27 -13.27 -21.97
C GLY B 81 -5.04 -12.44 -22.97
N ARG B 82 -6.01 -13.06 -23.65
CA ARG B 82 -6.79 -12.34 -24.63
C ARG B 82 -7.85 -11.44 -23.99
N PHE B 83 -8.55 -11.94 -22.98
CA PHE B 83 -9.68 -11.21 -22.41
C PHE B 83 -9.20 -10.36 -21.24
N THR B 84 -10.14 -9.62 -20.66
CA THR B 84 -9.87 -8.80 -19.49
C THR B 84 -11.21 -8.40 -18.87
N VAL B 85 -11.37 -8.64 -17.59
CA VAL B 85 -12.58 -8.26 -16.86
C VAL B 85 -12.22 -7.10 -15.94
N SER B 86 -12.93 -6.00 -16.10
CA SER B 86 -12.81 -4.85 -15.21
C SER B 86 -14.02 -4.81 -14.30
N ARG B 87 -14.02 -3.82 -13.40
CA ARG B 87 -15.08 -3.74 -12.41
C ARG B 87 -15.24 -2.29 -11.96
N ASP B 88 -16.48 -1.79 -12.03
CA ASP B 88 -16.80 -0.44 -11.57
C ASP B 88 -18.10 -0.50 -10.79
N ASP B 89 -18.04 -0.09 -9.53
CA ASP B 89 -19.18 -0.17 -8.63
C ASP B 89 -20.08 1.06 -8.70
N ALA B 90 -19.86 1.93 -9.68
CA ALA B 90 -20.71 3.11 -9.83
C ALA B 90 -22.07 2.74 -10.40
N LYS B 91 -22.08 2.10 -11.57
CA LYS B 91 -23.31 1.67 -12.21
C LYS B 91 -23.58 0.19 -12.01
N ASN B 92 -22.82 -0.47 -11.14
CA ASN B 92 -22.95 -1.90 -10.86
C ASN B 92 -22.83 -2.73 -12.13
N THR B 93 -21.69 -2.57 -12.81
CA THR B 93 -21.41 -3.26 -14.06
C THR B 93 -19.98 -3.78 -14.04
N VAL B 94 -19.77 -4.89 -14.76
CA VAL B 94 -18.45 -5.43 -15.02
C VAL B 94 -18.36 -5.73 -16.51
N TYR B 95 -17.18 -5.50 -17.09
CA TYR B 95 -17.00 -5.51 -18.54
C TYR B 95 -15.99 -6.58 -18.93
N LEU B 96 -16.40 -7.48 -19.81
CA LEU B 96 -15.52 -8.51 -20.35
C LEU B 96 -14.97 -8.02 -21.68
N GLN B 97 -13.85 -7.33 -21.62
CA GLN B 97 -13.21 -6.83 -22.83
C GLN B 97 -12.54 -7.99 -23.57
N MET B 98 -13.07 -8.31 -24.75
CA MET B 98 -12.55 -9.41 -25.55
C MET B 98 -11.66 -8.86 -26.65
N ASN B 99 -10.44 -9.40 -26.74
CA ASN B 99 -9.48 -8.98 -27.76
C ASN B 99 -8.91 -10.22 -28.44
N SER B 100 -8.43 -10.02 -29.68
CA SER B 100 -7.79 -11.07 -30.48
C SER B 100 -8.70 -12.28 -30.64
N LEU B 101 -9.93 -12.03 -31.07
CA LEU B 101 -10.98 -13.05 -31.10
C LEU B 101 -10.67 -14.07 -32.19
N LYS B 102 -10.26 -15.26 -31.78
CA LYS B 102 -10.14 -16.38 -32.70
C LYS B 102 -11.55 -16.84 -33.11
N PRO B 103 -11.66 -17.59 -34.23
CA PRO B 103 -13.00 -18.00 -34.67
C PRO B 103 -13.62 -19.14 -33.87
N GLU B 104 -13.05 -19.45 -32.70
CA GLU B 104 -13.60 -20.47 -31.82
C GLU B 104 -14.48 -19.90 -30.72
N ASP B 105 -14.57 -18.57 -30.60
CA ASP B 105 -15.30 -17.93 -29.51
C ASP B 105 -16.75 -17.64 -29.86
N THR B 106 -17.30 -18.31 -30.88
CA THR B 106 -18.68 -18.08 -31.27
C THR B 106 -19.67 -18.74 -30.30
N ALA B 107 -20.07 -18.00 -29.28
CA ALA B 107 -20.92 -18.57 -28.24
C ALA B 107 -21.65 -17.46 -27.51
N VAL B 108 -22.70 -17.85 -26.80
CA VAL B 108 -23.46 -16.92 -25.96
C VAL B 108 -22.68 -16.67 -24.69
N TYR B 109 -22.70 -15.44 -24.20
CA TYR B 109 -21.88 -15.03 -23.06
C TYR B 109 -22.78 -14.60 -21.90
N TYR B 110 -23.17 -15.56 -21.08
CA TYR B 110 -23.93 -15.26 -19.88
C TYR B 110 -23.06 -14.60 -18.82
N CYS B 111 -23.67 -13.75 -18.01
CA CYS B 111 -23.05 -13.22 -16.81
C CYS B 111 -23.58 -14.01 -15.61
N ALA B 112 -22.98 -13.78 -14.45
CA ALA B 112 -23.38 -14.56 -13.28
C ALA B 112 -22.94 -13.84 -12.00
N ILE B 113 -23.66 -14.12 -10.93
CA ILE B 113 -23.37 -13.56 -9.61
C ILE B 113 -23.49 -14.69 -8.60
N ASP B 114 -22.65 -14.69 -7.58
CA ASP B 114 -22.64 -15.74 -6.58
C ASP B 114 -23.26 -15.24 -5.27
N SER B 115 -24.03 -16.12 -4.62
CA SER B 115 -24.68 -15.78 -3.36
C SER B 115 -23.72 -15.78 -2.18
N ASP B 116 -22.45 -16.12 -2.39
CA ASP B 116 -21.46 -16.21 -1.33
C ASP B 116 -20.45 -15.09 -1.47
N THR B 117 -20.01 -14.54 -0.34
CA THR B 117 -18.99 -13.52 -0.31
C THR B 117 -17.62 -14.08 0.05
N PHE B 118 -17.51 -15.39 0.28
CA PHE B 118 -16.23 -16.07 0.37
C PHE B 118 -15.80 -16.63 -0.97
N TYR B 119 -16.45 -16.21 -2.05
CA TYR B 119 -16.17 -16.64 -3.41
C TYR B 119 -16.30 -18.16 -3.57
N SER B 120 -17.20 -18.77 -2.83
CA SER B 120 -17.44 -20.20 -2.98
C SER B 120 -18.17 -20.56 -4.26
N GLY B 121 -18.64 -19.57 -5.03
CA GLY B 121 -19.24 -19.82 -6.31
C GLY B 121 -20.60 -20.49 -6.24
N SER B 122 -21.57 -19.81 -5.64
CA SER B 122 -22.94 -20.29 -5.62
C SER B 122 -23.75 -19.42 -6.59
N TYR B 123 -23.69 -19.79 -7.86
CA TYR B 123 -24.30 -19.00 -8.93
C TYR B 123 -25.80 -19.29 -8.98
N ASP B 124 -26.61 -18.25 -8.77
CA ASP B 124 -28.06 -18.37 -8.83
C ASP B 124 -28.69 -17.48 -9.88
N TYR B 125 -28.31 -16.20 -9.95
CA TYR B 125 -28.86 -15.27 -10.93
C TYR B 125 -27.91 -15.15 -12.12
N TRP B 126 -28.43 -15.39 -13.32
CA TRP B 126 -27.60 -15.45 -14.51
C TRP B 126 -27.89 -14.34 -15.52
N GLY B 127 -29.11 -14.24 -15.99
CA GLY B 127 -29.40 -13.48 -17.19
C GLY B 127 -29.63 -14.40 -18.37
N GLN B 128 -29.76 -13.78 -19.55
CA GLN B 128 -30.09 -14.52 -20.76
C GLN B 128 -28.95 -14.54 -21.78
N GLY B 129 -27.87 -13.82 -21.53
CA GLY B 129 -26.73 -13.85 -22.43
C GLY B 129 -26.90 -13.05 -23.70
N THR B 130 -25.80 -12.79 -24.39
CA THR B 130 -25.81 -12.11 -25.68
C THR B 130 -25.04 -12.96 -26.67
N GLN B 131 -25.70 -13.34 -27.76
CA GLN B 131 -25.03 -14.14 -28.79
C GLN B 131 -23.92 -13.33 -29.42
N VAL B 132 -22.69 -13.84 -29.32
CA VAL B 132 -21.50 -13.18 -29.86
C VAL B 132 -20.84 -14.19 -30.79
N THR B 133 -21.07 -14.04 -32.08
CA THR B 133 -20.52 -14.94 -33.08
C THR B 133 -19.40 -14.25 -33.86
N VAL B 134 -18.44 -15.05 -34.29
CA VAL B 134 -17.32 -14.60 -35.10
C VAL B 134 -17.33 -15.38 -36.41
N SER B 135 -17.71 -14.70 -37.49
CA SER B 135 -17.85 -15.28 -38.83
C SER B 135 -18.76 -16.51 -38.85
N ASP C 2 -3.96 -5.32 23.76
CA ASP C 2 -5.29 -4.73 23.68
C ASP C 2 -5.44 -3.92 22.40
N ILE C 3 -4.31 -3.61 21.77
CA ILE C 3 -4.31 -2.89 20.50
C ILE C 3 -4.58 -3.88 19.38
N GLN C 4 -5.75 -3.77 18.76
CA GLN C 4 -6.08 -4.62 17.64
C GLN C 4 -5.23 -4.26 16.43
N MET C 5 -5.05 -5.22 15.54
CA MET C 5 -4.19 -5.04 14.38
C MET C 5 -4.78 -5.86 13.23
N THR C 6 -5.55 -5.21 12.37
CA THR C 6 -6.26 -5.88 11.29
C THR C 6 -5.43 -5.82 10.01
N GLN C 7 -5.23 -6.97 9.40
CA GLN C 7 -4.47 -7.09 8.16
C GLN C 7 -5.43 -7.59 7.09
N SER C 8 -5.80 -6.70 6.16
CA SER C 8 -7.00 -6.95 5.36
C SER C 8 -6.82 -8.04 4.29
N PRO C 9 -5.88 -7.94 3.33
CA PRO C 9 -6.03 -8.86 2.19
C PRO C 9 -5.56 -10.28 2.50
N SER C 10 -6.42 -11.03 3.18
CA SER C 10 -6.06 -12.27 3.87
C SER C 10 -5.47 -13.34 2.96
N SER C 11 -5.54 -13.18 1.64
CA SER C 11 -4.86 -14.09 0.72
C SER C 11 -4.70 -13.38 -0.61
N LEU C 12 -3.45 -13.16 -1.02
CA LEU C 12 -3.18 -12.59 -2.33
C LEU C 12 -2.79 -13.69 -3.30
N SER C 13 -3.16 -13.51 -4.56
CA SER C 13 -2.71 -14.37 -5.64
C SER C 13 -1.97 -13.51 -6.64
N ALA C 14 -0.73 -13.89 -6.95
CA ALA C 14 0.08 -13.12 -7.87
C ALA C 14 1.08 -14.04 -8.54
N SER C 15 1.65 -13.56 -9.64
CA SER C 15 2.62 -14.32 -10.42
C SER C 15 3.98 -13.64 -10.34
N VAL C 16 5.00 -14.36 -10.82
CA VAL C 16 6.38 -13.93 -10.67
C VAL C 16 6.62 -12.64 -11.44
N GLY C 17 6.92 -11.56 -10.72
CA GLY C 17 7.14 -10.27 -11.32
C GLY C 17 6.07 -9.24 -11.02
N ASP C 18 4.98 -9.64 -10.37
CA ASP C 18 3.94 -8.69 -10.02
C ASP C 18 4.40 -7.80 -8.86
N ARG C 19 3.60 -6.80 -8.57
CA ARG C 19 3.84 -5.88 -7.45
C ARG C 19 2.68 -6.01 -6.49
N VAL C 20 2.91 -6.66 -5.36
CA VAL C 20 1.87 -6.89 -4.38
C VAL C 20 1.95 -5.81 -3.31
N THR C 21 0.86 -5.64 -2.58
CA THR C 21 0.79 -4.64 -1.53
C THR C 21 -0.11 -5.16 -0.42
N ILE C 22 0.44 -5.26 0.78
CA ILE C 22 -0.28 -5.75 1.95
C ILE C 22 -0.41 -4.59 2.92
N THR C 23 -1.61 -4.34 3.40
CA THR C 23 -1.86 -3.22 4.30
C THR C 23 -2.29 -3.74 5.67
N CYS C 24 -2.25 -2.84 6.65
CA CYS C 24 -2.37 -3.23 8.05
C CYS C 24 -2.73 -1.98 8.84
N ARG C 25 -3.76 -2.07 9.70
CA ARG C 25 -4.31 -0.91 10.36
C ARG C 25 -4.43 -1.16 11.86
N ALA C 26 -4.00 -0.18 12.65
CA ALA C 26 -3.96 -0.31 14.11
C ALA C 26 -5.21 0.27 14.75
N SER C 27 -5.62 -0.36 15.86
CA SER C 27 -6.74 0.16 16.65
C SER C 27 -6.41 1.53 17.23
N GLN C 28 -5.43 1.59 18.11
CA GLN C 28 -4.94 2.86 18.64
C GLN C 28 -4.00 3.48 17.63
N SER C 29 -3.30 4.55 18.03
CA SER C 29 -2.32 5.19 17.19
C SER C 29 -0.95 4.93 17.80
N VAL C 30 -0.40 3.75 17.50
CA VAL C 30 1.00 3.53 17.76
C VAL C 30 1.83 4.42 16.85
N SER C 31 3.06 4.68 17.25
CA SER C 31 3.95 5.47 16.42
C SER C 31 4.46 4.57 15.30
N SER C 32 5.48 5.02 14.57
CA SER C 32 6.02 4.22 13.48
C SER C 32 6.83 3.05 14.02
N ALA C 33 6.16 2.19 14.80
CA ALA C 33 6.75 0.99 15.38
C ALA C 33 5.85 -0.17 15.00
N VAL C 34 6.02 -0.68 13.79
CA VAL C 34 5.45 -1.95 13.37
C VAL C 34 6.52 -2.69 12.58
N ALA C 35 6.45 -4.01 12.61
CA ALA C 35 7.40 -4.85 11.92
C ALA C 35 6.65 -5.80 11.01
N TRP C 36 7.30 -6.21 9.93
CA TRP C 36 6.73 -7.14 8.97
C TRP C 36 7.59 -8.39 8.92
N TYR C 37 6.94 -9.55 8.90
CA TYR C 37 7.64 -10.82 8.93
C TYR C 37 7.29 -11.65 7.71
N GLN C 38 8.02 -12.75 7.55
CA GLN C 38 7.77 -13.70 6.49
C GLN C 38 8.01 -15.09 7.05
N GLN C 39 6.98 -15.94 7.00
CA GLN C 39 7.08 -17.29 7.56
C GLN C 39 6.83 -18.28 6.44
N LYS C 40 7.90 -18.85 5.89
CA LYS C 40 7.76 -19.97 4.99
C LYS C 40 7.24 -21.17 5.78
N PRO C 41 6.38 -21.98 5.17
CA PRO C 41 5.72 -23.07 5.93
C PRO C 41 6.72 -24.09 6.46
N GLY C 42 6.69 -24.28 7.78
CA GLY C 42 7.56 -25.18 8.47
C GLY C 42 8.68 -24.51 9.23
N LYS C 43 9.03 -23.28 8.87
CA LYS C 43 10.13 -22.57 9.48
C LYS C 43 9.62 -21.47 10.40
N ALA C 44 10.55 -20.77 11.03
CA ALA C 44 10.29 -19.64 11.91
C ALA C 44 10.21 -18.35 11.13
N PRO C 45 9.58 -17.32 11.67
CA PRO C 45 9.50 -16.03 10.96
C PRO C 45 10.87 -15.40 10.77
N LYS C 46 10.89 -14.37 9.94
CA LYS C 46 12.10 -13.61 9.64
C LYS C 46 11.74 -12.15 9.57
N LEU C 47 12.54 -11.30 10.21
CA LEU C 47 12.27 -9.88 10.19
C LEU C 47 12.56 -9.31 8.81
N LEU C 48 11.65 -8.50 8.30
CA LEU C 48 11.80 -7.82 7.01
C LEU C 48 11.88 -6.31 7.17
N ILE C 49 10.89 -5.71 7.81
CA ILE C 49 10.84 -4.27 8.03
C ILE C 49 10.80 -4.03 9.53
N TYR C 50 11.49 -2.99 9.99
CA TYR C 50 11.33 -2.52 11.35
C TYR C 50 11.21 -1.01 11.32
N SER C 51 10.62 -0.46 12.38
CA SER C 51 10.26 0.96 12.47
C SER C 51 9.34 1.38 11.32
N ALA C 52 8.61 0.42 10.77
CA ALA C 52 7.50 0.58 9.82
C ALA C 52 7.95 1.01 8.43
N SER C 53 9.21 1.41 8.27
CA SER C 53 9.71 1.74 6.93
C SER C 53 11.13 1.25 6.65
N SER C 54 11.95 1.01 7.67
CA SER C 54 13.37 0.76 7.46
C SER C 54 13.61 -0.71 7.16
N LEU C 55 14.33 -0.97 6.06
CA LEU C 55 14.60 -2.33 5.62
C LEU C 55 15.65 -2.97 6.51
N TYR C 56 15.38 -4.18 6.98
CA TYR C 56 16.34 -4.91 7.78
C TYR C 56 17.54 -5.30 6.92
N SER C 57 18.70 -5.44 7.58
CA SER C 57 19.95 -5.70 6.87
C SER C 57 20.11 -7.19 6.65
N GLY C 58 19.86 -7.64 5.42
CA GLY C 58 20.01 -9.05 5.11
C GLY C 58 18.93 -9.55 4.16
N VAL C 59 17.91 -8.73 3.94
CA VAL C 59 16.81 -9.09 3.05
C VAL C 59 16.95 -8.28 1.77
N PRO C 60 16.48 -8.79 0.63
CA PRO C 60 16.60 -8.04 -0.62
C PRO C 60 15.75 -6.77 -0.59
N SER C 61 16.12 -5.83 -1.45
CA SER C 61 15.57 -4.48 -1.42
C SER C 61 14.27 -4.33 -2.20
N ARG C 62 13.60 -5.44 -2.56
CA ARG C 62 12.30 -5.31 -3.19
C ARG C 62 11.20 -5.03 -2.18
N PHE C 63 11.35 -5.52 -0.95
CA PHE C 63 10.41 -5.19 0.11
C PHE C 63 10.59 -3.75 0.54
N SER C 64 9.48 -3.06 0.76
CA SER C 64 9.55 -1.65 1.19
C SER C 64 8.25 -1.28 1.88
N GLY C 65 8.31 -1.10 3.19
CA GLY C 65 7.15 -0.67 3.95
C GLY C 65 7.06 0.84 4.03
N SER C 66 5.88 1.31 4.45
CA SER C 66 5.66 2.73 4.66
C SER C 66 4.53 2.89 5.67
N ARG C 67 4.29 4.15 6.05
CA ARG C 67 3.34 4.46 7.10
C ARG C 67 2.56 5.71 6.72
N SER C 68 1.25 5.67 6.98
CA SER C 68 0.37 6.84 6.79
C SER C 68 -0.63 6.84 7.93
N GLY C 69 -0.37 7.65 8.95
CA GLY C 69 -1.23 7.70 10.11
C GLY C 69 -1.16 6.43 10.93
N THR C 70 -2.23 5.65 10.94
CA THR C 70 -2.25 4.32 11.53
C THR C 70 -2.56 3.27 10.48
N ASP C 71 -2.07 3.49 9.26
CA ASP C 71 -2.27 2.58 8.15
C ASP C 71 -0.90 2.20 7.60
N PHE C 72 -0.39 1.05 8.02
CA PHE C 72 0.93 0.59 7.63
C PHE C 72 0.78 -0.40 6.48
N THR C 73 1.70 -0.32 5.52
CA THR C 73 1.59 -1.10 4.30
C THR C 73 2.94 -1.62 3.84
N LEU C 74 2.98 -2.90 3.47
CA LEU C 74 4.16 -3.56 2.95
C LEU C 74 3.98 -3.79 1.45
N THR C 75 4.93 -3.32 0.66
CA THR C 75 4.88 -3.48 -0.79
C THR C 75 6.10 -4.27 -1.25
N ILE C 76 5.87 -5.26 -2.09
CA ILE C 76 6.94 -5.98 -2.79
C ILE C 76 6.91 -5.53 -4.24
N SER C 77 8.07 -5.18 -4.79
CA SER C 77 8.11 -4.58 -6.11
C SER C 77 8.09 -5.64 -7.21
N SER C 78 9.06 -6.55 -7.21
CA SER C 78 9.16 -7.60 -8.20
C SER C 78 9.10 -8.93 -7.47
N LEU C 79 7.93 -9.57 -7.51
CA LEU C 79 7.67 -10.75 -6.69
C LEU C 79 8.40 -11.97 -7.21
N GLN C 80 9.62 -12.19 -6.75
CA GLN C 80 10.42 -13.34 -7.15
C GLN C 80 9.77 -14.64 -6.67
N PRO C 81 10.13 -15.79 -7.26
CA PRO C 81 9.47 -17.05 -6.88
C PRO C 81 9.82 -17.57 -5.50
N GLU C 82 10.59 -16.83 -4.71
CA GLU C 82 10.85 -17.21 -3.33
C GLU C 82 10.08 -16.34 -2.33
N ASP C 83 9.33 -15.36 -2.81
CA ASP C 83 8.48 -14.55 -1.95
C ASP C 83 7.07 -15.09 -1.89
N PHE C 84 6.93 -16.39 -1.60
CA PHE C 84 5.65 -17.06 -1.52
C PHE C 84 5.54 -17.66 -0.13
N ALA C 85 5.05 -16.87 0.82
CA ALA C 85 4.96 -17.28 2.20
C ALA C 85 3.93 -16.40 2.89
N THR C 86 3.75 -16.61 4.19
CA THR C 86 2.79 -15.85 4.98
C THR C 86 3.49 -14.63 5.55
N TYR C 87 2.84 -13.48 5.46
CA TYR C 87 3.43 -12.21 5.90
C TYR C 87 2.60 -11.65 7.04
N TYR C 88 3.22 -11.53 8.21
CA TYR C 88 2.54 -11.02 9.39
C TYR C 88 2.85 -9.55 9.60
N CYS C 89 2.14 -8.96 10.56
CA CYS C 89 2.21 -7.53 10.84
C CYS C 89 2.16 -7.38 12.35
N GLN C 90 3.29 -7.07 12.95
CA GLN C 90 3.41 -6.97 14.40
C GLN C 90 3.57 -5.52 14.78
N GLN C 91 2.83 -5.07 15.78
CA GLN C 91 3.10 -3.79 16.42
C GLN C 91 3.90 -4.04 17.70
N TYR C 92 4.81 -3.13 18.00
CA TYR C 92 5.65 -3.26 19.18
C TYR C 92 5.74 -1.86 19.79
N LEU C 93 4.85 -1.58 20.73
CA LEU C 93 4.84 -0.30 21.42
C LEU C 93 5.46 -0.40 22.80
N TYR C 94 5.10 -1.43 23.55
CA TYR C 94 5.73 -1.76 24.80
C TYR C 94 6.00 -3.27 24.77
N TYR C 95 6.74 -3.76 25.76
CA TYR C 95 7.09 -5.17 25.80
C TYR C 95 5.86 -6.05 25.96
N SER C 96 4.92 -5.65 26.80
CA SER C 96 3.74 -6.46 27.09
C SER C 96 2.53 -6.10 26.23
N LEU C 97 2.72 -5.35 25.16
CA LEU C 97 1.63 -4.89 24.31
C LEU C 97 1.84 -5.31 22.87
N VAL C 98 2.40 -6.51 22.67
CA VAL C 98 2.69 -7.00 21.32
C VAL C 98 1.48 -7.76 20.80
N THR C 99 1.01 -7.37 19.61
CA THR C 99 -0.09 -8.05 18.95
C THR C 99 0.24 -8.17 17.47
N PHE C 100 0.16 -9.38 16.95
CA PHE C 100 0.44 -9.64 15.55
C PHE C 100 -0.84 -9.51 14.73
N GLY C 101 -0.67 -9.32 13.43
CA GLY C 101 -1.78 -9.40 12.51
C GLY C 101 -2.21 -10.83 12.30
N GLN C 102 -3.15 -11.02 11.38
CA GLN C 102 -3.65 -12.34 11.08
C GLN C 102 -2.86 -13.05 10.00
N GLY C 103 -2.12 -12.31 9.18
CA GLY C 103 -1.20 -12.92 8.24
C GLY C 103 -1.82 -13.21 6.89
N THR C 104 -1.30 -12.57 5.84
CA THR C 104 -1.75 -12.84 4.49
C THR C 104 -0.86 -13.89 3.84
N LYS C 105 -1.45 -14.73 3.02
CA LYS C 105 -0.73 -15.82 2.36
C LYS C 105 -0.65 -15.50 0.88
N VAL C 106 0.50 -15.05 0.42
CA VAL C 106 0.71 -14.79 -0.99
C VAL C 106 0.94 -16.12 -1.70
N GLU C 107 0.22 -16.33 -2.80
CA GLU C 107 0.26 -17.60 -3.51
C GLU C 107 0.34 -17.36 -5.00
N ILE C 108 0.44 -18.45 -5.75
CA ILE C 108 0.76 -18.39 -7.18
C ILE C 108 -0.52 -18.18 -7.98
N LYS C 109 -0.51 -17.18 -8.85
CA LYS C 109 -1.62 -16.97 -9.78
C LYS C 109 -1.62 -18.06 -10.85
N ARG C 110 -2.82 -18.44 -11.29
CA ARG C 110 -2.98 -19.55 -12.21
C ARG C 110 -4.34 -19.39 -12.90
N THR C 111 -4.55 -20.19 -13.95
CA THR C 111 -5.83 -20.21 -14.64
C THR C 111 -6.80 -21.12 -13.92
N VAL C 112 -8.07 -20.70 -13.87
CA VAL C 112 -9.09 -21.41 -13.11
C VAL C 112 -9.31 -22.79 -13.71
N ALA C 113 -9.22 -23.81 -12.85
CA ALA C 113 -9.58 -25.17 -13.22
C ALA C 113 -10.76 -25.60 -12.37
N ALA C 114 -11.44 -26.63 -12.82
CA ALA C 114 -12.60 -27.11 -12.09
C ALA C 114 -12.28 -28.44 -11.41
N PRO C 115 -12.82 -28.68 -10.21
CA PRO C 115 -12.47 -29.91 -9.50
C PRO C 115 -13.13 -31.12 -10.13
N SER C 116 -12.33 -32.18 -10.31
CA SER C 116 -12.84 -33.46 -10.81
C SER C 116 -13.26 -34.26 -9.59
N VAL C 117 -14.56 -34.31 -9.35
CA VAL C 117 -15.11 -34.85 -8.12
C VAL C 117 -15.15 -36.37 -8.19
N PHE C 118 -14.72 -37.02 -7.11
CA PHE C 118 -14.87 -38.45 -6.94
C PHE C 118 -15.46 -38.72 -5.57
N ILE C 119 -16.29 -39.76 -5.47
CA ILE C 119 -16.84 -40.20 -4.19
C ILE C 119 -16.44 -41.66 -4.00
N PHE C 120 -16.27 -42.05 -2.74
CA PHE C 120 -15.82 -43.40 -2.43
C PHE C 120 -16.75 -44.02 -1.40
N PRO C 121 -17.27 -45.21 -1.65
CA PRO C 121 -18.07 -45.91 -0.65
C PRO C 121 -17.19 -46.40 0.48
N PRO C 122 -17.75 -46.64 1.67
CA PRO C 122 -16.92 -47.15 2.76
C PRO C 122 -16.59 -48.62 2.54
N SER C 123 -15.36 -48.99 2.88
CA SER C 123 -14.94 -50.37 2.72
C SER C 123 -15.65 -51.26 3.73
N ASP C 124 -15.98 -52.48 3.30
CA ASP C 124 -16.60 -53.44 4.20
C ASP C 124 -15.65 -53.88 5.30
N SER C 125 -14.34 -53.72 5.11
CA SER C 125 -13.39 -53.96 6.19
C SER C 125 -13.57 -52.95 7.31
N GLN C 126 -13.91 -51.71 6.97
CA GLN C 126 -14.22 -50.71 7.99
C GLN C 126 -15.53 -51.01 8.70
N LEU C 127 -16.50 -51.57 7.97
CA LEU C 127 -17.80 -51.86 8.55
C LEU C 127 -17.75 -52.98 9.59
N LYS C 128 -16.66 -53.76 9.62
CA LYS C 128 -16.46 -54.70 10.70
C LYS C 128 -16.21 -54.01 12.03
N SER C 129 -15.73 -52.76 12.00
CA SER C 129 -15.46 -52.00 13.21
C SER C 129 -16.67 -51.22 13.72
N GLY C 130 -17.77 -51.23 12.96
CA GLY C 130 -18.98 -50.55 13.38
C GLY C 130 -19.10 -49.11 12.93
N THR C 131 -18.12 -48.58 12.20
CA THR C 131 -18.17 -47.22 11.71
C THR C 131 -18.12 -47.22 10.18
N ALA C 132 -18.60 -46.12 9.60
CA ALA C 132 -18.61 -45.95 8.15
C ALA C 132 -18.19 -44.53 7.83
N SER C 133 -17.25 -44.39 6.89
CA SER C 133 -16.72 -43.09 6.50
C SER C 133 -16.64 -43.02 4.98
N VAL C 134 -17.62 -42.34 4.38
CA VAL C 134 -17.52 -42.00 2.97
C VAL C 134 -16.64 -40.76 2.82
N VAL C 135 -16.03 -40.63 1.65
CA VAL C 135 -15.08 -39.54 1.40
C VAL C 135 -15.29 -39.03 -0.02
N CYS C 136 -15.37 -37.72 -0.16
CA CYS C 136 -15.52 -37.05 -1.44
C CYS C 136 -14.22 -36.33 -1.76
N LEU C 137 -13.64 -36.63 -2.93
CA LEU C 137 -12.33 -36.12 -3.29
C LEU C 137 -12.47 -35.09 -4.40
N LEU C 138 -11.97 -33.90 -4.15
CA LEU C 138 -11.90 -32.83 -5.14
C LEU C 138 -10.46 -32.71 -5.60
N ASN C 139 -10.23 -32.68 -6.90
CA ASN C 139 -8.90 -32.88 -7.47
C ASN C 139 -8.56 -31.76 -8.45
N ASN C 140 -7.45 -31.08 -8.20
CA ASN C 140 -6.81 -30.15 -9.13
C ASN C 140 -7.74 -29.03 -9.57
N PHE C 141 -8.11 -28.20 -8.59
CA PHE C 141 -8.85 -26.97 -8.85
C PHE C 141 -8.00 -25.81 -8.35
N TYR C 142 -7.91 -24.73 -9.13
CA TYR C 142 -6.99 -23.67 -8.71
C TYR C 142 -7.49 -22.86 -7.52
N PRO C 143 -8.60 -22.14 -7.56
CA PRO C 143 -8.94 -21.32 -6.39
C PRO C 143 -9.37 -22.21 -5.23
N ARG C 144 -8.82 -21.93 -4.05
CA ARG C 144 -9.14 -22.71 -2.86
C ARG C 144 -10.41 -22.16 -2.21
N GLU C 145 -11.49 -22.22 -2.98
CA GLU C 145 -12.78 -21.71 -2.51
C GLU C 145 -13.91 -22.70 -2.72
N ALA C 146 -13.59 -23.98 -2.98
CA ALA C 146 -14.65 -24.95 -3.20
C ALA C 146 -15.39 -25.25 -1.90
N LYS C 147 -16.65 -25.62 -2.03
CA LYS C 147 -17.50 -25.96 -0.89
C LYS C 147 -18.13 -27.32 -1.12
N VAL C 148 -18.03 -28.19 -0.12
CA VAL C 148 -18.63 -29.52 -0.17
C VAL C 148 -19.85 -29.54 0.74
N GLN C 149 -20.91 -30.19 0.27
CA GLN C 149 -22.16 -30.30 1.05
C GLN C 149 -22.70 -31.71 0.86
N TRP C 150 -22.63 -32.52 1.91
CA TRP C 150 -23.12 -33.89 1.85
C TRP C 150 -24.64 -33.92 1.89
N LYS C 151 -25.22 -34.95 1.26
CA LYS C 151 -26.66 -35.11 1.22
C LYS C 151 -27.00 -36.60 1.28
N VAL C 152 -27.92 -36.95 2.16
CA VAL C 152 -28.41 -38.33 2.33
C VAL C 152 -29.91 -38.27 2.10
N ASP C 153 -30.35 -38.58 0.87
CA ASP C 153 -31.70 -38.26 0.40
C ASP C 153 -32.01 -36.78 0.63
N ASN C 154 -31.18 -35.93 0.07
CA ASN C 154 -31.28 -34.48 0.10
C ASN C 154 -31.28 -33.90 1.51
N ALA C 155 -30.87 -34.69 2.51
CA ALA C 155 -30.75 -34.21 3.88
C ALA C 155 -29.36 -33.62 4.04
N LEU C 156 -29.28 -32.29 4.13
CA LEU C 156 -27.99 -31.60 4.24
C LEU C 156 -27.38 -31.93 5.60
N GLN C 157 -26.32 -32.74 5.59
CA GLN C 157 -25.64 -33.11 6.82
C GLN C 157 -24.83 -31.93 7.35
N SER C 158 -24.58 -31.95 8.66
CA SER C 158 -23.82 -30.90 9.31
C SER C 158 -23.22 -31.43 10.60
N GLY C 159 -21.96 -31.09 10.85
CA GLY C 159 -21.27 -31.49 12.06
C GLY C 159 -20.58 -32.83 11.98
N ASN C 160 -20.94 -33.67 11.02
CA ASN C 160 -20.34 -34.98 10.85
C ASN C 160 -19.44 -35.07 9.62
N SER C 161 -19.08 -33.93 9.04
CA SER C 161 -18.18 -33.86 7.90
C SER C 161 -16.92 -33.10 8.28
N GLN C 162 -15.82 -33.44 7.63
CA GLN C 162 -14.52 -32.85 7.96
C GLN C 162 -13.62 -32.90 6.74
N GLU C 163 -13.05 -31.77 6.36
CA GLU C 163 -12.25 -31.66 5.16
C GLU C 163 -10.86 -31.15 5.48
N SER C 164 -9.95 -31.33 4.52
CA SER C 164 -8.56 -30.91 4.70
C SER C 164 -7.95 -30.73 3.31
N VAL C 165 -7.59 -29.50 2.98
CA VAL C 165 -7.03 -29.18 1.66
C VAL C 165 -5.52 -29.21 1.76
N THR C 166 -4.87 -29.65 0.67
CA THR C 166 -3.41 -29.64 0.62
C THR C 166 -2.89 -28.24 0.32
N GLU C 167 -1.57 -28.13 0.33
CA GLU C 167 -0.93 -26.90 -0.11
C GLU C 167 -0.94 -26.82 -1.63
N GLN C 168 -0.49 -25.69 -2.15
CA GLN C 168 -0.43 -25.50 -3.59
C GLN C 168 0.62 -26.43 -4.19
N ASP C 169 0.24 -27.15 -5.24
CA ASP C 169 1.13 -28.13 -5.84
C ASP C 169 2.35 -27.45 -6.45
N SER C 170 3.47 -28.18 -6.48
CA SER C 170 4.71 -27.62 -7.01
C SER C 170 4.75 -27.65 -8.53
N LYS C 171 4.06 -28.60 -9.16
CA LYS C 171 4.11 -28.72 -10.61
C LYS C 171 3.24 -27.68 -11.29
N ASP C 172 1.94 -27.68 -10.99
CA ASP C 172 0.97 -26.87 -11.73
C ASP C 172 0.21 -25.89 -10.85
N SER C 173 0.57 -25.77 -9.56
CA SER C 173 0.03 -24.75 -8.66
C SER C 173 -1.48 -24.89 -8.47
N THR C 174 -1.92 -26.10 -8.15
CA THR C 174 -3.33 -26.37 -7.96
C THR C 174 -3.54 -27.18 -6.68
N TYR C 175 -4.71 -27.00 -6.07
CA TYR C 175 -4.99 -27.60 -4.78
C TYR C 175 -5.64 -28.96 -4.94
N SER C 176 -6.06 -29.55 -3.82
CA SER C 176 -6.79 -30.80 -3.79
C SER C 176 -7.42 -30.95 -2.42
N LEU C 177 -8.71 -31.18 -2.38
CA LEU C 177 -9.47 -31.20 -1.13
C LEU C 177 -10.08 -32.57 -0.94
N SER C 178 -10.39 -32.90 0.32
CA SER C 178 -10.92 -34.22 0.65
C SER C 178 -11.84 -34.08 1.86
N SER C 179 -13.14 -34.02 1.61
CA SER C 179 -14.12 -34.02 2.69
C SER C 179 -14.56 -35.44 2.97
N THR C 180 -14.58 -35.83 4.25
CA THR C 180 -15.02 -37.15 4.66
C THR C 180 -16.19 -37.04 5.63
N LEU C 181 -17.17 -37.90 5.44
CA LEU C 181 -18.39 -37.93 6.24
C LEU C 181 -18.39 -39.22 7.05
N THR C 182 -18.24 -39.09 8.36
CA THR C 182 -18.15 -40.25 9.24
C THR C 182 -19.49 -40.54 9.90
N LEU C 183 -19.83 -41.82 9.97
CA LEU C 183 -21.08 -42.28 10.56
C LEU C 183 -20.86 -43.64 11.21
N SER C 184 -21.70 -43.96 12.17
CA SER C 184 -21.70 -45.30 12.73
C SER C 184 -22.53 -46.23 11.86
N LYS C 185 -22.24 -47.53 11.97
CA LYS C 185 -22.99 -48.51 11.19
C LYS C 185 -24.45 -48.57 11.62
N ALA C 186 -24.73 -48.25 12.88
CA ALA C 186 -26.12 -48.10 13.31
C ALA C 186 -26.79 -46.93 12.62
N ASP C 187 -26.02 -45.92 12.23
CA ASP C 187 -26.54 -44.77 11.50
C ASP C 187 -26.29 -44.87 10.00
N TYR C 188 -25.30 -45.67 9.58
CA TYR C 188 -25.03 -45.84 8.15
C TYR C 188 -26.16 -46.57 7.43
N GLU C 189 -27.00 -47.30 8.16
CA GLU C 189 -28.15 -48.00 7.58
C GLU C 189 -29.36 -47.09 7.38
N LYS C 190 -29.14 -45.77 7.31
CA LYS C 190 -30.17 -44.80 6.98
C LYS C 190 -30.42 -44.80 5.48
N HIS C 191 -31.05 -43.73 4.99
CA HIS C 191 -31.33 -43.50 3.57
C HIS C 191 -30.18 -43.97 2.68
N LYS C 192 -30.51 -44.82 1.72
CA LYS C 192 -29.54 -45.69 1.07
C LYS C 192 -28.81 -45.05 -0.09
N VAL C 193 -28.91 -43.74 -0.28
CA VAL C 193 -28.15 -43.05 -1.32
C VAL C 193 -27.42 -41.86 -0.70
N TYR C 194 -26.12 -41.78 -0.95
CA TYR C 194 -25.28 -40.71 -0.43
C TYR C 194 -24.72 -39.90 -1.59
N ALA C 195 -24.75 -38.58 -1.45
CA ALA C 195 -24.35 -37.70 -2.53
C ALA C 195 -23.40 -36.64 -2.00
N CYS C 196 -22.51 -36.18 -2.89
CA CYS C 196 -21.56 -35.13 -2.57
C CYS C 196 -21.74 -34.02 -3.58
N GLU C 197 -22.19 -32.86 -3.12
CA GLU C 197 -22.42 -31.71 -3.99
C GLU C 197 -21.27 -30.73 -3.85
N VAL C 198 -20.76 -30.25 -4.98
CA VAL C 198 -19.54 -29.46 -5.01
C VAL C 198 -19.82 -28.19 -5.81
N THR C 199 -19.69 -27.04 -5.17
CA THR C 199 -19.79 -25.75 -5.84
C THR C 199 -18.42 -25.12 -5.87
N HIS C 200 -17.96 -24.73 -7.06
CA HIS C 200 -16.68 -24.08 -7.22
C HIS C 200 -16.87 -22.86 -8.10
N GLN C 201 -15.95 -21.90 -7.96
CA GLN C 201 -16.06 -20.64 -8.70
C GLN C 201 -15.99 -20.85 -10.19
N GLY C 202 -15.25 -21.84 -10.65
CA GLY C 202 -15.15 -22.12 -12.07
C GLY C 202 -16.10 -23.22 -12.52
N LEU C 203 -17.16 -23.42 -11.75
CA LEU C 203 -18.16 -24.44 -12.03
C LEU C 203 -19.51 -23.79 -12.26
N SER C 204 -20.12 -24.07 -13.41
CA SER C 204 -21.43 -23.50 -13.70
C SER C 204 -22.51 -24.07 -12.79
N SER C 205 -22.70 -25.38 -12.85
CA SER C 205 -23.67 -26.04 -11.99
C SER C 205 -22.97 -26.91 -10.97
N PRO C 206 -23.53 -27.05 -9.77
CA PRO C 206 -22.90 -27.91 -8.75
C PRO C 206 -22.85 -29.36 -9.19
N VAL C 207 -21.64 -29.90 -9.24
CA VAL C 207 -21.44 -31.30 -9.60
C VAL C 207 -21.84 -32.19 -8.42
N THR C 208 -22.65 -33.20 -8.69
CA THR C 208 -23.10 -34.14 -7.66
C THR C 208 -22.66 -35.53 -8.06
N LYS C 209 -21.65 -36.05 -7.38
CA LYS C 209 -21.23 -37.44 -7.52
C LYS C 209 -21.86 -38.24 -6.39
N SER C 210 -22.59 -39.29 -6.75
CA SER C 210 -23.39 -40.01 -5.77
C SER C 210 -23.26 -41.52 -6.00
N PHE C 211 -23.78 -42.28 -5.04
CA PHE C 211 -23.82 -43.73 -5.12
C PHE C 211 -24.89 -44.22 -4.17
N ASN C 212 -25.39 -45.42 -4.44
CA ASN C 212 -26.42 -46.04 -3.62
C ASN C 212 -25.82 -47.14 -2.74
N ARG C 213 -26.38 -47.27 -1.54
CA ARG C 213 -25.90 -48.25 -0.58
C ARG C 213 -26.48 -49.63 -0.88
N TYR D 24 -7.67 52.02 -37.86
CA TYR D 24 -7.59 53.13 -36.92
C TYR D 24 -8.92 53.87 -36.84
N ALA D 25 -10.01 53.12 -36.72
CA ALA D 25 -11.34 53.72 -36.63
C ALA D 25 -11.52 54.48 -35.33
N HIS D 26 -10.79 54.09 -34.27
CA HIS D 26 -10.84 54.77 -32.99
C HIS D 26 -9.62 55.63 -32.74
N HIS D 27 -9.08 56.25 -33.79
CA HIS D 27 -7.87 57.06 -33.62
C HIS D 27 -8.16 58.34 -32.84
N SER D 28 -9.33 58.95 -33.08
CA SER D 28 -9.73 60.09 -32.27
C SER D 28 -9.97 59.66 -30.83
N THR D 29 -10.46 58.44 -30.63
CA THR D 29 -10.55 57.89 -29.28
C THR D 29 -9.15 57.60 -28.73
N ALA D 30 -8.27 57.05 -29.57
CA ALA D 30 -6.92 56.73 -29.13
C ALA D 30 -6.12 57.98 -28.78
N ARG D 31 -6.39 59.10 -29.47
CA ARG D 31 -5.72 60.37 -29.20
C ARG D 31 -5.96 60.87 -27.78
N ILE D 32 -6.99 60.37 -27.11
CA ILE D 32 -7.16 60.63 -25.68
C ILE D 32 -6.79 59.40 -24.84
N VAL D 33 -7.04 58.18 -25.33
CA VAL D 33 -6.82 56.98 -24.53
C VAL D 33 -5.32 56.75 -24.29
N MET D 34 -4.54 56.63 -25.38
CA MET D 34 -3.13 56.28 -25.15
C MET D 34 -2.29 57.37 -24.50
N PRO D 35 -2.50 58.68 -24.74
CA PRO D 35 -1.71 59.65 -23.95
C PRO D 35 -2.08 59.64 -22.48
N LEU D 36 -3.35 59.40 -22.15
CA LEU D 36 -3.75 59.27 -20.74
C LEU D 36 -3.00 58.14 -20.07
N HIS D 37 -3.09 56.94 -20.64
CA HIS D 37 -2.48 55.77 -20.02
C HIS D 37 -0.96 55.90 -19.96
N TYR D 38 -0.34 56.35 -21.05
CA TYR D 38 1.12 56.42 -21.02
C TYR D 38 1.64 57.59 -20.20
N SER D 39 0.87 58.67 -20.07
CA SER D 39 1.24 59.73 -19.14
C SER D 39 1.18 59.23 -17.70
N LEU D 40 0.10 58.50 -17.36
CA LEU D 40 -0.02 57.92 -16.03
C LEU D 40 1.13 56.96 -15.74
N VAL D 41 1.43 56.08 -16.70
CA VAL D 41 2.50 55.12 -16.53
C VAL D 41 3.84 55.83 -16.38
N PHE D 42 4.08 56.84 -17.22
CA PHE D 42 5.31 57.61 -17.16
C PHE D 42 5.50 58.24 -15.78
N ILE D 43 4.51 58.99 -15.31
CA ILE D 43 4.68 59.71 -14.05
C ILE D 43 4.78 58.74 -12.87
N ILE D 44 3.92 57.72 -12.83
CA ILE D 44 3.89 56.82 -11.67
C ILE D 44 5.15 55.97 -11.63
N GLY D 45 5.48 55.29 -12.73
CA GLY D 45 6.69 54.49 -12.76
C GLY D 45 7.95 55.31 -12.56
N LEU D 46 7.97 56.54 -13.09
CA LEU D 46 9.16 57.37 -12.95
C LEU D 46 9.37 57.79 -11.50
N VAL D 47 8.31 58.23 -10.82
CA VAL D 47 8.52 58.66 -9.42
C VAL D 47 8.74 57.45 -8.53
N GLY D 48 8.11 56.31 -8.84
CA GLY D 48 8.31 55.11 -8.03
C GLY D 48 9.73 54.58 -8.15
N ASN D 49 10.23 54.45 -9.37
CA ASN D 49 11.60 54.03 -9.55
C ASN D 49 12.59 55.11 -9.14
N LEU D 50 12.19 56.38 -9.14
CA LEU D 50 13.03 57.45 -8.64
C LEU D 50 13.30 57.24 -7.15
N LEU D 51 12.24 57.14 -6.36
CA LEU D 51 12.42 56.89 -4.93
C LEU D 51 13.07 55.53 -4.70
N ALA D 52 12.83 54.57 -5.60
CA ALA D 52 13.44 53.25 -5.48
C ALA D 52 14.96 53.35 -5.59
N LEU D 53 15.47 54.03 -6.62
CA LEU D 53 16.93 54.10 -6.72
C LEU D 53 17.53 55.09 -5.73
N VAL D 54 16.75 56.04 -5.20
CA VAL D 54 17.25 56.84 -4.09
C VAL D 54 17.48 55.98 -2.86
N VAL D 55 16.51 55.12 -2.53
CA VAL D 55 16.71 54.20 -1.40
C VAL D 55 17.79 53.17 -1.73
N ILE D 56 17.97 52.85 -3.02
CA ILE D 56 19.08 52.00 -3.43
C ILE D 56 20.42 52.68 -3.16
N VAL D 57 20.52 53.97 -3.47
CA VAL D 57 21.70 54.75 -3.12
C VAL D 57 21.89 54.78 -1.60
N GLN D 58 20.79 54.82 -0.84
CA GLN D 58 20.89 54.76 0.61
C GLN D 58 21.48 53.45 1.12
N ASN D 59 21.47 52.39 0.30
CA ASN D 59 22.05 51.09 0.63
C ASN D 59 22.90 50.59 -0.54
N ARG D 60 23.78 51.45 -1.03
CA ARG D 60 24.44 51.26 -2.32
C ARG D 60 25.40 50.07 -2.36
N LYS D 61 25.69 49.43 -1.24
CA LYS D 61 26.58 48.28 -1.26
C LYS D 61 25.88 46.97 -0.94
N LYS D 62 25.00 46.95 0.08
CA LYS D 62 24.41 45.70 0.54
C LYS D 62 23.35 45.24 -0.46
N ILE D 63 23.76 44.35 -1.38
CA ILE D 63 22.84 43.71 -2.31
C ILE D 63 23.19 42.21 -2.26
N ASN D 64 22.53 41.47 -1.37
CA ASN D 64 22.91 40.09 -1.11
C ASN D 64 22.69 39.14 -2.28
N SER D 65 21.43 38.84 -2.62
CA SER D 65 21.11 38.01 -3.77
C SER D 65 19.90 38.48 -4.58
N THR D 66 18.97 39.22 -3.99
CA THR D 66 17.74 39.63 -4.64
C THR D 66 17.78 41.09 -5.06
N THR D 67 18.50 41.93 -4.32
CA THR D 67 18.56 43.35 -4.64
C THR D 67 19.21 43.58 -6.00
N LEU D 68 20.12 42.71 -6.43
CA LEU D 68 20.72 42.88 -7.75
C LEU D 68 19.70 42.60 -8.86
N TYR D 69 18.88 41.56 -8.68
CA TYR D 69 17.76 41.32 -9.59
C TYR D 69 16.83 42.52 -9.64
N SER D 70 16.46 43.04 -8.47
CA SER D 70 15.55 44.17 -8.41
C SER D 70 16.15 45.39 -9.09
N THR D 71 17.46 45.63 -8.90
CA THR D 71 18.08 46.81 -9.50
C THR D 71 18.21 46.70 -11.00
N ASN D 72 18.52 45.52 -11.55
CA ASN D 72 18.59 45.45 -13.01
C ASN D 72 17.20 45.52 -13.62
N LEU D 73 16.18 44.99 -12.95
CA LEU D 73 14.83 45.16 -13.44
C LEU D 73 14.41 46.62 -13.39
N VAL D 74 14.86 47.36 -12.36
CA VAL D 74 14.66 48.80 -12.31
C VAL D 74 15.37 49.47 -13.49
N ILE D 75 16.58 49.03 -13.82
CA ILE D 75 17.31 49.59 -14.95
C ILE D 75 16.51 49.42 -16.23
N SER D 76 15.98 48.22 -16.45
CA SER D 76 15.17 47.96 -17.64
C SER D 76 13.94 48.87 -17.68
N ASP D 77 13.23 48.95 -16.56
CA ASP D 77 12.04 49.80 -16.51
C ASP D 77 12.37 51.27 -16.76
N ILE D 78 13.46 51.76 -16.19
CA ILE D 78 13.73 53.19 -16.31
C ILE D 78 14.27 53.53 -17.71
N LEU D 79 14.98 52.62 -18.37
CA LEU D 79 15.32 52.91 -19.77
C LEU D 79 14.09 52.82 -20.66
N PHE D 80 13.15 51.92 -20.33
CA PHE D 80 11.88 51.88 -21.03
C PHE D 80 11.11 53.19 -20.85
N THR D 81 11.23 53.82 -19.69
CA THR D 81 10.59 55.12 -19.47
C THR D 81 11.34 56.26 -20.15
N THR D 82 12.67 56.23 -20.15
CA THR D 82 13.42 57.32 -20.78
C THR D 82 13.36 57.27 -22.30
N ALA D 83 13.00 56.12 -22.87
CA ALA D 83 12.74 56.07 -24.30
C ALA D 83 11.29 56.39 -24.66
N LEU D 84 10.43 56.57 -23.66
CA LEU D 84 9.02 56.85 -23.85
C LEU D 84 8.63 58.28 -24.31
N PRO D 85 9.27 59.37 -23.83
CA PRO D 85 8.77 60.72 -24.18
C PRO D 85 8.71 61.02 -25.68
N THR D 86 9.33 60.22 -26.53
CA THR D 86 9.11 60.39 -27.97
C THR D 86 7.79 59.77 -28.39
N ARG D 87 7.40 58.65 -27.76
CA ARG D 87 6.20 57.93 -28.16
C ARG D 87 4.93 58.53 -27.59
N ILE D 88 5.03 59.34 -26.52
CA ILE D 88 3.84 59.95 -25.96
C ILE D 88 3.27 61.04 -26.87
N ALA D 89 4.11 61.65 -27.70
CA ALA D 89 3.66 62.63 -28.68
C ALA D 89 3.31 61.87 -29.95
N TYR D 90 2.03 61.51 -30.08
CA TYR D 90 1.60 60.63 -31.15
C TYR D 90 0.35 61.18 -31.83
N TYR D 91 0.23 60.86 -33.11
CA TYR D 91 -0.91 61.23 -33.95
C TYR D 91 -0.91 60.29 -35.15
N ALA D 92 -1.75 60.58 -36.15
CA ALA D 92 -1.76 59.77 -37.36
C ALA D 92 -0.54 60.07 -38.22
N MET D 93 -0.39 61.32 -38.66
CA MET D 93 0.71 61.78 -39.50
C MET D 93 0.86 60.96 -40.77
N GLY D 100 11.15 59.61 -37.42
CA GLY D 100 12.25 58.92 -38.07
C GLY D 100 12.03 57.42 -38.17
N ASP D 101 13.09 56.69 -38.50
CA ASP D 101 13.05 55.24 -38.63
C ASP D 101 13.95 54.53 -37.64
N ALA D 102 15.21 54.94 -37.53
CA ALA D 102 16.13 54.31 -36.58
C ALA D 102 15.68 54.55 -35.14
N LEU D 103 15.15 55.74 -34.85
CA LEU D 103 14.57 55.98 -33.53
C LEU D 103 13.39 55.06 -33.26
N CYS D 104 12.61 54.75 -34.30
CA CYS D 104 11.48 53.84 -34.12
C CYS D 104 11.97 52.41 -33.87
N ARG D 105 13.06 52.03 -34.53
CA ARG D 105 13.68 50.73 -34.22
C ARG D 105 14.21 50.70 -32.80
N ILE D 106 14.73 51.83 -32.31
CA ILE D 106 15.16 51.90 -30.92
C ILE D 106 13.96 51.77 -29.99
N THR D 107 12.81 52.33 -30.35
CA THR D 107 11.62 52.18 -29.51
C THR D 107 11.16 50.72 -29.50
N ALA D 108 11.26 50.03 -30.63
CA ALA D 108 10.91 48.62 -30.68
C ALA D 108 11.83 47.79 -29.78
N LEU D 109 13.15 48.02 -29.89
CA LEU D 109 14.06 47.24 -29.08
C LEU D 109 13.94 47.56 -27.60
N VAL D 110 13.63 48.82 -27.25
CA VAL D 110 13.48 49.14 -25.82
C VAL D 110 12.18 48.54 -25.28
N PHE D 111 11.14 48.46 -26.11
CA PHE D 111 9.93 47.76 -25.68
C PHE D 111 10.21 46.30 -25.40
N TYR D 112 10.97 45.64 -26.29
CA TYR D 112 11.18 44.21 -26.11
C TYR D 112 12.13 43.93 -24.96
N ILE D 113 13.17 44.76 -24.77
CA ILE D 113 14.03 44.60 -23.61
C ILE D 113 13.39 45.14 -22.34
N ASN D 114 12.22 45.75 -22.43
CA ASN D 114 11.40 45.94 -21.25
C ASN D 114 10.65 44.67 -20.90
N THR D 115 9.86 44.16 -21.85
CA THR D 115 8.91 43.09 -21.52
C THR D 115 9.64 41.76 -21.26
N TYR D 116 10.59 41.39 -22.10
CA TYR D 116 11.24 40.10 -21.91
C TYR D 116 12.17 40.13 -20.70
N ALA D 117 12.81 41.26 -20.42
CA ALA D 117 13.64 41.37 -19.23
C ALA D 117 12.79 41.31 -17.97
N GLY D 118 11.63 41.97 -17.98
CA GLY D 118 10.71 41.84 -16.87
C GLY D 118 10.32 40.41 -16.61
N VAL D 119 9.96 39.69 -17.67
CA VAL D 119 9.52 38.29 -17.50
C VAL D 119 10.65 37.43 -16.95
N ASN D 120 11.81 37.47 -17.60
CA ASN D 120 12.87 36.54 -17.20
C ASN D 120 13.49 36.93 -15.85
N PHE D 121 13.51 38.21 -15.51
CA PHE D 121 14.03 38.56 -14.20
C PHE D 121 13.04 38.28 -13.09
N MET D 122 11.73 38.41 -13.35
CA MET D 122 10.76 37.96 -12.37
C MET D 122 10.87 36.45 -12.15
N THR D 123 11.09 35.69 -13.22
CA THR D 123 11.18 34.25 -12.98
C THR D 123 12.52 33.83 -12.37
N CYS D 124 13.59 34.59 -12.61
CA CYS D 124 14.84 34.25 -11.93
C CYS D 124 14.77 34.63 -10.45
N LEU D 125 14.10 35.73 -10.13
CA LEU D 125 13.88 36.06 -8.74
C LEU D 125 12.96 35.04 -8.07
N SER D 126 12.02 34.48 -8.83
CA SER D 126 11.16 33.44 -8.29
C SER D 126 11.95 32.17 -7.98
N ILE D 127 12.84 31.75 -8.89
CA ILE D 127 13.62 30.55 -8.59
C ILE D 127 14.65 30.84 -7.50
N ASP D 128 15.10 32.08 -7.37
CA ASP D 128 15.93 32.47 -6.24
C ASP D 128 15.20 32.25 -4.93
N ARG D 129 13.95 32.72 -4.84
CA ARG D 129 13.16 32.52 -3.63
C ARG D 129 12.86 31.05 -3.39
N PHE D 130 12.62 30.28 -4.45
CA PHE D 130 12.34 28.85 -4.29
C PHE D 130 13.56 28.10 -3.77
N ILE D 131 14.74 28.43 -4.30
CA ILE D 131 15.99 27.86 -3.79
C ILE D 131 16.21 28.26 -2.35
N ALA D 132 15.87 29.50 -1.99
CA ALA D 132 16.09 29.97 -0.64
C ALA D 132 15.19 29.25 0.36
N VAL D 133 13.92 29.04 0.01
CA VAL D 133 12.95 28.51 0.96
C VAL D 133 12.57 27.07 0.60
N VAL D 134 13.45 26.35 -0.10
CA VAL D 134 13.36 24.90 -0.19
C VAL D 134 14.67 24.24 0.24
N HIS D 135 15.78 24.66 -0.36
CA HIS D 135 17.12 24.16 -0.01
C HIS D 135 17.96 25.33 0.47
N PRO D 136 17.82 25.73 1.75
CA PRO D 136 18.54 26.92 2.22
C PRO D 136 20.05 26.75 2.26
N LEU D 137 20.55 25.52 2.45
CA LEU D 137 21.99 25.31 2.39
C LEU D 137 22.52 25.53 0.97
N ARG D 138 21.77 25.07 -0.04
CA ARG D 138 22.13 25.35 -1.42
C ARG D 138 21.96 26.83 -1.74
N TYR D 139 21.09 27.53 -1.01
CA TYR D 139 20.94 28.97 -1.18
C TYR D 139 22.17 29.70 -0.66
N ASN D 140 22.61 29.37 0.56
CA ASN D 140 23.83 29.93 1.11
C ASN D 140 25.06 29.52 0.31
N LYS D 141 24.99 28.39 -0.41
CA LYS D 141 26.04 28.05 -1.37
C LYS D 141 26.11 29.08 -2.49
N ILE D 142 24.97 29.60 -2.91
CA ILE D 142 24.86 30.48 -4.07
C ILE D 142 24.53 31.92 -3.66
N LYS D 143 24.39 32.19 -2.36
CA LYS D 143 24.06 33.53 -1.89
C LYS D 143 25.18 34.53 -2.12
N ARG D 144 26.37 34.08 -2.50
CA ARG D 144 27.47 35.00 -2.76
C ARG D 144 27.21 35.81 -4.04
N ILE D 145 28.02 36.86 -4.20
CA ILE D 145 27.81 37.80 -5.30
C ILE D 145 28.24 37.21 -6.65
N GLU D 146 29.14 36.23 -6.64
CA GLU D 146 29.76 35.79 -7.89
C GLU D 146 28.76 35.03 -8.77
N HIS D 147 28.24 33.91 -8.27
CA HIS D 147 27.30 33.11 -9.06
C HIS D 147 25.99 33.85 -9.30
N ALA D 148 25.56 34.66 -8.34
CA ALA D 148 24.33 35.43 -8.49
C ALA D 148 24.46 36.45 -9.62
N LYS D 149 25.53 37.24 -9.61
CA LYS D 149 25.74 38.19 -10.69
C LYS D 149 26.04 37.49 -12.01
N GLY D 150 26.61 36.28 -11.96
CA GLY D 150 26.81 35.52 -13.18
C GLY D 150 25.50 35.12 -13.83
N VAL D 151 24.56 34.60 -13.03
CA VAL D 151 23.24 34.26 -13.55
C VAL D 151 22.49 35.51 -13.98
N CYS D 152 22.70 36.63 -13.28
CA CYS D 152 22.08 37.89 -13.67
C CYS D 152 22.54 38.33 -15.06
N ILE D 153 23.86 38.35 -15.28
CA ILE D 153 24.39 38.73 -16.57
C ILE D 153 24.03 37.69 -17.63
N PHE D 154 23.83 36.43 -17.22
CA PHE D 154 23.39 35.40 -18.15
C PHE D 154 21.99 35.68 -18.69
N VAL D 155 21.03 35.97 -17.80
CA VAL D 155 19.69 36.28 -18.30
C VAL D 155 19.65 37.65 -18.96
N TRP D 156 20.58 38.54 -18.62
CA TRP D 156 20.63 39.84 -19.28
C TRP D 156 21.12 39.71 -20.72
N ILE D 157 22.14 38.89 -20.96
CA ILE D 157 22.52 38.64 -22.35
C ILE D 157 21.48 37.78 -23.04
N LEU D 158 20.70 36.99 -22.28
CA LEU D 158 19.60 36.25 -22.90
C LEU D 158 18.51 37.19 -23.41
N VAL D 159 18.16 38.22 -22.64
CA VAL D 159 17.13 39.15 -23.11
C VAL D 159 17.69 40.04 -24.21
N PHE D 160 19.00 40.32 -24.20
CA PHE D 160 19.59 40.97 -25.39
C PHE D 160 19.58 40.05 -26.60
N ALA D 161 19.62 38.74 -26.39
CA ALA D 161 19.51 37.80 -27.49
C ALA D 161 18.07 37.62 -27.96
N GLN D 162 17.09 37.97 -27.13
CA GLN D 162 15.70 37.83 -27.51
C GLN D 162 15.19 38.99 -28.35
N THR D 163 15.83 40.15 -28.28
CA THR D 163 15.29 41.37 -28.88
C THR D 163 15.82 41.67 -30.27
N LEU D 164 17.05 41.25 -30.60
CA LEU D 164 17.65 41.60 -31.88
C LEU D 164 17.08 40.82 -33.07
N PRO D 165 16.72 39.53 -32.93
CA PRO D 165 16.03 38.86 -34.05
C PRO D 165 14.75 39.54 -34.51
N LEU D 166 14.03 40.21 -33.61
CA LEU D 166 12.85 40.97 -34.02
C LEU D 166 13.20 42.42 -34.30
N LEU D 167 14.27 42.64 -35.08
CA LEU D 167 14.70 43.99 -35.43
C LEU D 167 15.23 44.07 -36.85
N ILE D 168 14.79 43.17 -37.73
CA ILE D 168 15.38 43.07 -39.06
C ILE D 168 14.94 44.26 -39.93
N ASN D 169 13.66 44.38 -40.15
CA ASN D 169 13.26 45.49 -41.02
C ASN D 169 12.97 46.74 -40.20
N PRO D 170 13.26 47.92 -40.77
CA PRO D 170 12.80 49.16 -40.14
C PRO D 170 11.29 49.26 -40.22
N MET D 171 10.67 49.59 -39.09
CA MET D 171 9.22 49.52 -38.97
C MET D 171 8.49 50.67 -39.66
N SER D 172 9.21 51.62 -40.25
CA SER D 172 8.57 52.77 -40.88
C SER D 172 7.78 52.34 -42.11
N LYS D 173 6.53 52.77 -42.19
CA LYS D 173 5.63 52.37 -43.26
C LYS D 173 4.46 53.36 -43.30
N GLN D 174 4.03 53.69 -44.52
CA GLN D 174 2.89 54.59 -44.68
C GLN D 174 1.74 53.88 -45.40
N THR D 180 5.27 58.98 -38.17
CA THR D 180 5.14 57.96 -37.15
C THR D 180 5.87 56.68 -37.58
N CYS D 181 5.36 55.53 -37.13
CA CYS D 181 5.96 54.23 -37.44
C CYS D 181 5.08 53.33 -38.29
N MET D 182 3.82 53.12 -37.88
CA MET D 182 3.01 51.98 -38.30
C MET D 182 3.76 50.68 -38.01
N GLU D 183 4.02 50.48 -36.72
CA GLU D 183 4.79 49.35 -36.20
C GLU D 183 3.90 48.14 -35.89
N TYR D 184 2.61 48.34 -35.74
CA TYR D 184 1.63 47.37 -35.24
C TYR D 184 1.58 46.05 -36.00
N PRO D 185 1.28 46.01 -37.30
CA PRO D 185 0.94 44.73 -37.94
C PRO D 185 2.19 43.88 -38.19
N ASN D 186 1.96 42.72 -38.81
CA ASN D 186 3.00 41.76 -39.15
C ASN D 186 3.81 41.33 -37.94
N LEU D 193 4.75 34.35 -44.65
CA LEU D 193 4.14 33.45 -43.66
C LEU D 193 4.91 33.50 -42.34
N PRO D 194 4.26 33.97 -41.29
CA PRO D 194 4.91 34.03 -39.97
C PRO D 194 4.75 32.71 -39.22
N TRP D 195 5.85 32.23 -38.65
CA TRP D 195 5.83 31.04 -37.82
C TRP D 195 6.57 31.20 -36.49
N ILE D 196 7.53 32.11 -36.39
CA ILE D 196 8.32 32.30 -35.18
C ILE D 196 7.52 32.99 -34.07
N LEU D 197 6.28 33.39 -34.37
CA LEU D 197 5.48 34.15 -33.40
C LEU D 197 5.20 33.34 -32.15
N LEU D 198 4.55 32.17 -32.31
CA LEU D 198 4.29 31.33 -31.14
C LEU D 198 5.53 30.65 -30.59
N GLY D 199 6.60 30.50 -31.38
CA GLY D 199 7.85 30.03 -30.81
C GLY D 199 8.43 31.00 -29.82
N ALA D 200 8.51 32.28 -30.21
CA ALA D 200 8.96 33.31 -29.28
C ALA D 200 8.00 33.47 -28.12
N CYS D 201 6.68 33.36 -28.39
CA CYS D 201 5.68 33.45 -27.34
C CYS D 201 5.87 32.35 -26.30
N PHE D 202 6.08 31.11 -26.76
CA PHE D 202 6.34 30.00 -25.86
C PHE D 202 7.59 30.24 -25.04
N ILE D 203 8.74 30.24 -25.69
CA ILE D 203 9.99 30.43 -24.96
C ILE D 203 9.96 31.72 -24.14
N GLY D 204 9.52 32.81 -24.76
CA GLY D 204 9.44 34.07 -24.06
C GLY D 204 8.46 34.11 -22.90
N TYR D 205 7.27 33.55 -23.09
CA TYR D 205 6.24 33.60 -22.05
C TYR D 205 5.78 32.30 -21.43
N VAL D 206 5.51 31.29 -22.24
CA VAL D 206 4.99 30.04 -21.68
C VAL D 206 5.90 29.26 -20.74
N LEU D 207 7.18 29.10 -21.09
CA LEU D 207 8.07 28.35 -20.21
C LEU D 207 8.24 29.07 -18.89
N PRO D 208 8.37 30.40 -18.95
CA PRO D 208 8.53 31.16 -17.71
C PRO D 208 7.30 31.01 -16.83
N LEU D 209 6.11 31.04 -17.41
CA LEU D 209 4.92 30.93 -16.60
C LEU D 209 4.85 29.61 -15.87
N ILE D 210 5.22 28.52 -16.54
CA ILE D 210 5.18 27.23 -15.87
C ILE D 210 6.18 27.18 -14.71
N ILE D 211 7.35 27.78 -14.89
CA ILE D 211 8.36 27.80 -13.85
C ILE D 211 7.89 28.48 -12.57
N ILE D 212 7.46 29.74 -12.69
CA ILE D 212 6.99 30.47 -11.52
C ILE D 212 5.87 29.72 -10.82
N LEU D 213 5.02 29.04 -11.57
CA LEU D 213 3.91 28.31 -10.97
C LEU D 213 4.40 27.10 -10.19
N ILE D 214 5.38 26.37 -10.72
CA ILE D 214 5.88 25.21 -9.97
C ILE D 214 6.72 25.68 -8.79
N CYS D 215 7.39 26.84 -8.90
CA CYS D 215 8.08 27.41 -7.76
C CYS D 215 7.09 27.77 -6.65
N TYR D 216 5.96 28.34 -7.03
CA TYR D 216 4.93 28.67 -6.04
C TYR D 216 4.33 27.42 -5.41
N SER D 217 4.14 26.37 -6.21
CA SER D 217 3.62 25.12 -5.65
C SER D 217 4.60 24.53 -4.66
N GLN D 218 5.89 24.55 -4.99
CA GLN D 218 6.91 24.04 -4.08
C GLN D 218 6.96 24.86 -2.79
N ILE D 219 6.86 26.18 -2.91
CA ILE D 219 6.88 27.03 -1.71
C ILE D 219 5.67 26.76 -0.84
N CYS D 220 4.48 26.65 -1.45
CA CYS D 220 3.26 26.41 -0.67
C CYS D 220 3.29 25.03 -0.02
N CYS D 221 3.82 24.02 -0.73
CA CYS D 221 3.89 22.68 -0.14
C CYS D 221 4.92 22.62 0.98
N LYS D 222 6.07 23.27 0.80
CA LYS D 222 7.11 23.25 1.83
C LYS D 222 6.65 24.02 3.07
N LEU D 223 5.93 25.12 2.88
CA LEU D 223 5.41 25.87 4.02
C LEU D 223 4.14 25.25 4.59
N PHE D 224 3.51 24.31 3.87
CA PHE D 224 2.28 23.68 4.34
C PHE D 224 2.47 22.28 4.91
N ARG D 225 3.56 21.60 4.55
CA ARG D 225 3.80 20.25 5.05
C ARG D 225 4.29 20.25 6.48
N ALA D 226 6.08 22.84 6.58
CA ALA D 226 6.38 22.65 7.99
C ALA D 226 5.28 23.26 8.86
N ARG D 227 4.03 23.00 8.49
CA ARG D 227 2.87 23.50 9.23
C ARG D 227 2.07 22.38 9.88
N ARG D 228 1.69 21.36 9.10
CA ARG D 228 1.02 20.20 9.67
C ARG D 228 1.96 19.44 10.60
N GLN D 229 3.27 19.52 10.36
CA GLN D 229 4.25 18.93 11.27
C GLN D 229 4.18 19.59 12.65
N LEU D 230 4.18 20.92 12.68
CA LEU D 230 4.07 21.62 13.96
C LEU D 230 2.72 21.40 14.60
N ALA D 231 1.67 21.29 13.79
CA ALA D 231 0.34 20.98 14.32
C ALA D 231 0.31 19.63 15.00
N ASP D 232 0.91 18.61 14.38
CA ASP D 232 0.89 17.28 14.99
C ASP D 232 1.82 17.20 16.19
N LEU D 233 2.91 17.97 16.20
CA LEU D 233 3.76 17.99 17.39
C LEU D 233 3.02 18.64 18.56
N GLU D 234 2.28 19.72 18.30
CA GLU D 234 1.48 20.32 19.36
C GLU D 234 0.38 19.37 19.82
N ASP D 235 -0.20 18.60 18.90
CA ASP D 235 -1.21 17.63 19.29
C ASP D 235 -0.62 16.51 20.14
N ASN D 236 0.61 16.07 19.81
CA ASN D 236 1.29 15.09 20.63
C ASN D 236 1.55 15.63 22.03
N TRP D 237 2.01 16.88 22.13
CA TRP D 237 2.23 17.49 23.44
C TRP D 237 0.94 17.61 24.22
N GLU D 238 -0.16 17.94 23.55
CA GLU D 238 -1.43 18.08 24.23
C GLU D 238 -1.94 16.74 24.74
N THR D 239 -1.85 15.68 23.93
CA THR D 239 -2.31 14.39 24.41
C THR D 239 -1.40 13.84 25.50
N LEU D 240 -0.10 14.15 25.46
CA LEU D 240 0.79 13.79 26.55
C LEU D 240 0.38 14.46 27.85
N ASN D 241 0.07 15.76 27.80
CA ASN D 241 -0.33 16.47 29.00
C ASN D 241 -1.69 16.00 29.52
N ASP D 242 -2.64 15.76 28.62
CA ASP D 242 -3.96 15.31 29.04
C ASP D 242 -3.90 13.92 29.67
N ASN D 243 -3.08 13.03 29.11
CA ASN D 243 -3.00 11.70 29.71
C ASN D 243 -2.20 11.72 31.00
N LEU D 244 -1.23 12.62 31.14
CA LEU D 244 -0.59 12.80 32.44
C LEU D 244 -1.59 13.28 33.48
N LYS D 245 -2.51 14.16 33.08
CA LYS D 245 -3.55 14.63 33.99
C LYS D 245 -4.49 13.50 34.41
N VAL D 246 -4.91 12.67 33.44
CA VAL D 246 -5.83 11.59 33.81
C VAL D 246 -5.09 10.54 34.65
N ILE D 247 -3.78 10.40 34.47
CA ILE D 247 -3.00 9.56 35.37
C ILE D 247 -3.06 10.11 36.79
N GLU D 248 -2.72 11.39 36.95
CA GLU D 248 -2.64 11.95 38.29
C GLU D 248 -4.01 12.10 38.95
N LYS D 249 -5.10 11.96 38.20
CA LYS D 249 -6.42 11.98 38.82
C LYS D 249 -7.13 10.63 38.87
N ALA D 250 -6.59 9.59 38.25
CA ALA D 250 -7.29 8.32 38.16
C ALA D 250 -6.76 7.29 39.15
N ASP D 251 -7.59 6.28 39.39
CA ASP D 251 -7.29 5.08 40.14
C ASP D 251 -7.47 3.90 39.18
N ASN D 252 -7.47 2.67 39.71
CA ASN D 252 -7.79 1.46 38.94
C ASN D 252 -6.81 1.28 37.78
N ALA D 253 -5.60 0.85 38.15
CA ALA D 253 -4.41 0.86 37.29
C ALA D 253 -4.61 0.30 35.89
N ALA D 254 -5.67 -0.47 35.66
CA ALA D 254 -6.03 -0.88 34.30
C ALA D 254 -6.26 0.29 33.37
N GLN D 255 -6.52 1.50 33.90
CA GLN D 255 -6.62 2.68 33.06
C GLN D 255 -5.40 3.59 33.13
N VAL D 256 -4.58 3.48 34.19
CA VAL D 256 -3.30 4.20 34.13
C VAL D 256 -2.40 3.55 33.09
N LYS D 257 -2.57 2.24 32.85
CA LYS D 257 -1.89 1.61 31.73
C LYS D 257 -2.39 2.15 30.40
N ASP D 258 -3.71 2.35 30.28
CA ASP D 258 -4.29 2.87 29.04
C ASP D 258 -3.85 4.30 28.79
N ALA D 259 -3.59 5.07 29.84
CA ALA D 259 -3.06 6.41 29.66
C ALA D 259 -1.57 6.39 29.32
N LEU D 260 -0.80 5.53 29.99
CA LEU D 260 0.63 5.47 29.75
C LEU D 260 0.96 4.98 28.34
N THR D 261 0.15 4.06 27.80
CA THR D 261 0.44 3.59 26.45
C THR D 261 0.18 4.67 25.41
N LYS D 262 -0.84 5.51 25.63
CA LYS D 262 -1.06 6.65 24.75
C LYS D 262 0.06 7.67 24.89
N MET D 263 0.53 7.89 26.13
CA MET D 263 1.64 8.80 26.35
C MET D 263 2.90 8.33 25.64
N ARG D 264 3.16 7.03 25.68
CA ARG D 264 4.36 6.51 25.01
C ARG D 264 4.23 6.59 23.50
N ALA D 265 3.05 6.26 22.98
CA ALA D 265 2.84 6.35 21.54
C ALA D 265 2.90 7.79 21.06
N ALA D 266 2.62 8.74 21.95
CA ALA D 266 2.78 10.15 21.59
C ALA D 266 4.24 10.59 21.65
N ALA D 267 4.97 10.17 22.68
CA ALA D 267 6.36 10.58 22.80
C ALA D 267 7.23 10.01 21.69
N LEU D 268 6.92 8.77 21.26
CA LEU D 268 7.78 8.09 20.28
C LEU D 268 7.79 8.81 18.94
N ASP D 269 6.65 9.38 18.52
CA ASP D 269 6.63 10.15 17.29
C ASP D 269 6.62 11.65 17.54
N ALA D 270 6.67 12.08 18.80
CA ALA D 270 7.04 13.46 19.07
C ALA D 270 8.54 13.66 18.97
N GLN D 271 9.34 12.64 19.27
CA GLN D 271 10.78 12.83 19.10
C GLN D 271 11.22 12.78 17.65
N LYS D 272 10.35 12.37 16.73
CA LYS D 272 10.70 12.30 15.33
C LYS D 272 10.53 13.63 14.60
N ALA D 273 10.10 14.67 15.30
CA ALA D 273 9.88 15.96 14.67
C ALA D 273 10.65 17.06 15.39
N SER D 285 22.18 19.93 14.24
CA SER D 285 22.33 18.58 14.80
C SER D 285 22.75 18.52 16.30
N PRO D 286 23.74 19.30 16.76
CA PRO D 286 24.09 19.21 18.19
C PRO D 286 23.03 19.78 19.12
N GLU D 287 21.97 20.39 18.61
CA GLU D 287 20.83 20.77 19.42
C GLU D 287 19.66 19.82 19.25
N MET D 288 19.50 19.22 18.07
CA MET D 288 18.49 18.18 17.90
C MET D 288 18.86 16.92 18.68
N LYS D 289 20.17 16.69 18.89
CA LYS D 289 20.58 15.57 19.72
C LYS D 289 20.12 15.76 21.16
N ASP D 290 20.25 16.97 21.69
CA ASP D 290 19.76 17.24 23.03
C ASP D 290 18.24 17.35 23.08
N PHE D 291 17.59 17.64 21.94
CA PHE D 291 16.14 17.53 21.87
C PHE D 291 15.70 16.08 22.01
N ARG D 292 16.34 15.17 21.28
CA ARG D 292 15.94 13.77 21.29
C ARG D 292 16.38 13.04 22.55
N HIS D 293 17.45 13.48 23.21
CA HIS D 293 17.85 12.84 24.45
C HIS D 293 16.83 13.10 25.55
N GLY D 294 16.19 14.26 25.53
CA GLY D 294 15.11 14.52 26.47
C GLY D 294 13.93 13.57 26.27
N PHE D 295 13.60 13.28 25.02
CA PHE D 295 12.51 12.35 24.77
C PHE D 295 12.92 10.92 25.07
N ASP D 296 14.20 10.58 24.90
CA ASP D 296 14.68 9.26 25.30
C ASP D 296 14.51 9.07 26.80
N ILE D 297 14.90 10.07 27.60
CA ILE D 297 14.74 9.89 29.05
C ILE D 297 13.27 9.99 29.45
N LEU D 298 12.46 10.72 28.67
CA LEU D 298 11.02 10.74 28.93
C LEU D 298 10.39 9.37 28.71
N VAL D 299 10.73 8.71 27.60
CA VAL D 299 10.18 7.38 27.34
C VAL D 299 10.74 6.38 28.35
N GLY D 300 11.97 6.58 28.82
CA GLY D 300 12.46 5.74 29.91
C GLY D 300 11.65 5.88 31.18
N GLN D 301 11.25 7.11 31.51
CA GLN D 301 10.41 7.31 32.69
C GLN D 301 9.00 6.75 32.46
N ILE D 302 8.50 6.85 31.24
CA ILE D 302 7.21 6.26 30.89
C ILE D 302 7.25 4.76 31.12
N ASP D 303 8.32 4.10 30.67
CA ASP D 303 8.46 2.67 30.88
C ASP D 303 8.63 2.31 32.34
N ASP D 304 9.35 3.14 33.11
CA ASP D 304 9.50 2.90 34.54
C ASP D 304 8.16 3.00 35.26
N ALA D 305 7.27 3.87 34.80
CA ALA D 305 5.94 3.93 35.39
C ALA D 305 5.05 2.80 34.89
N LEU D 306 5.23 2.41 33.63
CA LEU D 306 4.35 1.42 33.01
C LEU D 306 4.62 0.02 33.54
N LYS D 307 5.87 -0.29 33.85
CA LYS D 307 6.15 -1.59 34.46
C LYS D 307 5.62 -1.67 35.89
N LEU D 308 5.60 -0.54 36.60
CA LEU D 308 4.99 -0.53 37.94
C LEU D 308 3.47 -0.69 37.83
N ALA D 309 2.87 -0.05 36.83
CA ALA D 309 1.43 -0.24 36.60
C ALA D 309 1.11 -1.69 36.24
N ASN D 310 1.98 -2.32 35.45
CA ASN D 310 1.79 -3.73 35.12
C ASN D 310 1.92 -4.62 36.34
N GLU D 311 2.89 -4.31 37.23
CA GLU D 311 3.00 -5.04 38.48
C GLU D 311 1.77 -4.85 39.35
N GLY D 312 1.16 -3.67 39.30
CA GLY D 312 -0.07 -3.43 40.04
C GLY D 312 0.10 -2.54 41.24
N LYS D 313 0.90 -1.48 41.09
CA LYS D 313 1.15 -0.50 42.15
C LYS D 313 0.68 0.85 41.61
N VAL D 314 -0.60 1.16 41.80
CA VAL D 314 -1.18 2.33 41.17
C VAL D 314 -0.69 3.62 41.84
N LYS D 315 -0.36 3.57 43.13
CA LYS D 315 0.20 4.74 43.78
C LYS D 315 1.64 5.00 43.32
N GLU D 316 2.44 3.94 43.24
CA GLU D 316 3.84 4.09 42.86
C GLU D 316 4.00 4.42 41.39
N ALA D 317 3.08 3.95 40.54
CA ALA D 317 3.21 4.09 39.08
C ALA D 317 3.44 5.51 38.57
N GLN D 318 1.43 6.65 40.53
CA GLN D 318 1.39 8.00 39.96
C GLN D 318 2.69 8.70 40.33
N ALA D 319 3.37 8.12 41.32
CA ALA D 319 4.61 8.73 41.81
C ALA D 319 5.69 8.74 40.74
N ALA D 320 5.87 7.63 40.02
CA ALA D 320 6.87 7.56 38.97
C ALA D 320 6.46 8.31 37.71
N ALA D 321 5.16 8.53 37.51
CA ALA D 321 4.71 9.37 36.41
C ALA D 321 4.81 10.85 36.72
N GLU D 322 4.90 11.20 38.01
CA GLU D 322 5.07 12.59 38.40
C GLU D 322 6.36 13.21 37.86
N GLN D 323 7.41 12.40 37.68
CA GLN D 323 8.70 12.94 37.23
C GLN D 323 8.69 13.41 35.78
N LEU D 324 7.62 13.11 35.03
CA LEU D 324 7.62 13.49 33.63
C LEU D 324 7.48 14.99 33.44
N LYS D 325 6.76 15.69 34.31
CA LYS D 325 6.65 17.14 34.15
C LYS D 325 7.98 17.81 34.45
N THR D 326 8.74 17.27 35.40
CA THR D 326 10.10 17.75 35.65
C THR D 326 10.97 17.54 34.43
N THR D 327 10.92 16.35 33.83
CA THR D 327 11.71 16.07 32.63
C THR D 327 11.29 16.99 31.48
N ARG D 328 9.99 17.24 31.33
CA ARG D 328 9.48 18.13 30.31
C ARG D 328 10.05 19.53 30.47
N ASN D 329 9.89 20.10 31.68
CA ASN D 329 10.37 21.45 31.93
C ASN D 329 11.88 21.55 31.77
N ALA D 330 12.62 20.49 32.10
CA ALA D 330 14.07 20.56 31.99
C ALA D 330 14.58 20.33 30.56
N TYR D 331 13.81 19.70 29.69
CA TYR D 331 14.40 19.35 28.41
C TYR D 331 13.66 19.86 27.18
N ILE D 332 12.32 19.92 27.19
CA ILE D 332 11.57 20.15 25.96
C ILE D 332 10.82 21.48 25.99
N GLN D 333 10.56 22.06 27.16
CA GLN D 333 9.91 23.36 27.22
C GLN D 333 10.78 24.45 26.61
N LYS D 334 12.10 24.35 26.78
CA LYS D 334 13.01 25.34 26.20
C LYS D 334 13.26 25.13 24.72
N TYR D 335 12.73 24.06 24.13
CA TYR D 335 12.84 23.80 22.71
C TYR D 335 11.54 23.99 21.94
N LEU D 336 10.40 23.87 22.61
CA LEU D 336 9.13 24.02 21.91
C LEU D 336 8.94 25.44 21.39
N GLU D 337 9.41 26.46 22.14
CA GLU D 337 9.30 27.83 21.67
C GLU D 337 10.12 28.06 20.41
N ARG D 338 11.35 27.52 20.36
CA ARG D 338 12.14 27.59 19.14
C ARG D 338 11.45 26.88 17.99
N ALA D 339 11.03 25.63 18.20
CA ALA D 339 10.43 24.86 17.12
C ALA D 339 9.12 25.47 16.63
N ARG D 340 8.45 26.26 17.47
CA ARG D 340 7.21 26.90 17.05
C ARG D 340 7.43 28.26 16.40
N SER D 341 8.43 29.02 16.84
CA SER D 341 8.59 30.39 16.35
C SER D 341 9.59 30.51 15.20
N THR D 342 10.77 29.90 15.32
CA THR D 342 11.81 30.13 14.31
C THR D 342 11.53 29.34 13.05
N LEU D 343 11.25 28.05 13.18
CA LEU D 343 10.99 27.19 12.03
C LEU D 343 9.55 27.37 11.53
N SER D 344 6.84 32.64 8.63
CA SER D 344 7.04 33.73 9.58
C SER D 344 8.44 34.32 9.45
N GLY D 345 8.52 35.56 8.98
CA GLY D 345 9.79 36.24 8.85
C GLY D 345 10.27 36.36 7.41
N VAL D 346 11.37 35.68 7.10
CA VAL D 346 11.93 35.74 5.75
C VAL D 346 11.07 34.93 4.78
N ASN D 347 10.56 33.78 5.24
CA ASN D 347 9.74 32.96 4.34
C ASN D 347 8.38 33.60 4.07
N LYS D 348 7.89 34.45 4.96
CA LYS D 348 6.69 35.21 4.65
C LYS D 348 6.97 36.24 3.56
N LYS D 349 8.13 36.88 3.61
CA LYS D 349 8.55 37.76 2.53
C LYS D 349 8.65 36.99 1.22
N ALA D 350 9.20 35.78 1.27
CA ALA D 350 9.32 34.97 0.05
C ALA D 350 7.96 34.58 -0.50
N LEU D 351 7.03 34.19 0.37
CA LEU D 351 5.71 33.77 -0.08
C LEU D 351 4.95 34.93 -0.70
N ASN D 352 4.96 36.10 -0.05
CA ASN D 352 4.23 37.22 -0.64
C ASN D 352 4.92 37.73 -1.90
N THR D 353 6.25 37.59 -1.99
CA THR D 353 6.94 37.97 -3.21
C THR D 353 6.56 37.06 -4.37
N ILE D 354 6.50 35.75 -4.13
CA ILE D 354 6.09 34.82 -5.18
C ILE D 354 4.66 35.10 -5.63
N ILE D 355 3.76 35.33 -4.67
CA ILE D 355 2.37 35.54 -5.06
C ILE D 355 2.20 36.89 -5.74
N LEU D 356 3.04 37.87 -5.40
CA LEU D 356 2.96 39.17 -6.06
C LEU D 356 3.52 39.11 -7.48
N ILE D 357 4.59 38.33 -7.68
CA ILE D 357 5.08 38.10 -9.04
C ILE D 357 4.04 37.35 -9.86
N ILE D 358 3.33 36.40 -9.24
CA ILE D 358 2.29 35.69 -9.98
C ILE D 358 1.16 36.63 -10.37
N VAL D 359 0.73 37.53 -9.49
CA VAL D 359 -0.39 38.36 -9.87
C VAL D 359 0.02 39.43 -10.89
N VAL D 360 1.24 39.98 -10.77
CA VAL D 360 1.73 40.91 -11.79
C VAL D 360 1.86 40.20 -13.12
N PHE D 361 2.31 38.94 -13.09
CA PHE D 361 2.41 38.13 -14.31
C PHE D 361 1.04 37.95 -14.95
N VAL D 362 0.09 37.39 -14.21
CA VAL D 362 -1.21 37.05 -14.78
C VAL D 362 -2.10 38.25 -15.02
N LEU D 363 -1.71 39.46 -14.63
CA LEU D 363 -2.47 40.62 -15.08
C LEU D 363 -1.69 41.57 -15.98
N CYS D 364 -0.43 41.27 -16.29
CA CYS D 364 0.27 42.12 -17.26
C CYS D 364 0.80 41.36 -18.47
N PHE D 365 1.29 40.14 -18.30
CA PHE D 365 1.87 39.39 -19.41
C PHE D 365 0.96 38.29 -19.93
N THR D 366 -0.10 37.95 -19.20
CA THR D 366 -1.04 36.95 -19.70
C THR D 366 -2.01 37.53 -20.74
N PRO D 367 -2.64 38.70 -20.55
CA PRO D 367 -3.57 39.18 -21.60
C PRO D 367 -2.93 39.38 -22.96
N TYR D 368 -1.78 40.03 -23.02
CA TYR D 368 -1.15 40.29 -24.32
C TYR D 368 -0.73 39.00 -25.00
N HIS D 369 -0.14 38.07 -24.25
CA HIS D 369 0.36 36.88 -24.91
C HIS D 369 -0.75 35.90 -25.26
N VAL D 370 -1.84 35.87 -24.47
CA VAL D 370 -2.97 35.06 -24.91
C VAL D 370 -3.67 35.73 -26.09
N ALA D 371 -3.59 37.07 -26.18
CA ALA D 371 -4.13 37.75 -27.35
C ALA D 371 -3.32 37.41 -28.60
N ILE D 372 -2.00 37.28 -28.45
CA ILE D 372 -1.17 36.92 -29.60
C ILE D 372 -1.42 35.46 -30.00
N ILE D 373 -1.56 34.56 -29.01
CA ILE D 373 -1.83 33.17 -29.38
C ILE D 373 -3.24 33.03 -29.94
N GLN D 374 -4.16 33.93 -29.57
CA GLN D 374 -5.49 33.92 -30.17
C GLN D 374 -5.47 34.47 -31.59
N HIS D 375 -4.69 35.52 -31.82
CA HIS D 375 -4.60 36.09 -33.17
C HIS D 375 -3.91 35.13 -34.12
N MET D 376 -2.95 34.34 -33.64
CA MET D 376 -2.31 33.37 -34.51
C MET D 376 -3.02 32.01 -34.53
N ILE D 377 -3.90 31.73 -33.57
CA ILE D 377 -4.67 30.49 -33.67
C ILE D 377 -5.75 30.63 -34.74
N LYS D 378 -6.10 31.88 -35.10
CA LYS D 378 -6.93 32.13 -36.27
C LYS D 378 -6.25 31.64 -37.54
N LYS D 379 -4.92 31.66 -37.58
CA LYS D 379 -4.18 31.15 -38.72
C LYS D 379 -4.26 29.63 -38.78
N LEU D 380 -3.66 29.06 -39.83
CA LEU D 380 -3.65 27.64 -40.20
C LEU D 380 -5.02 27.14 -40.64
N ARG D 381 -6.06 27.97 -40.58
CA ARG D 381 -7.38 27.59 -41.05
C ARG D 381 -7.94 28.66 -41.98
N PHE D 382 -7.53 29.91 -41.77
CA PHE D 382 -7.94 31.07 -42.56
C PHE D 382 -9.46 31.24 -42.60
N SER D 389 -13.25 42.63 -41.05
CA SER D 389 -12.03 43.36 -41.40
C SER D 389 -10.90 42.98 -40.47
N GLN D 390 -9.66 43.26 -40.91
CA GLN D 390 -8.49 42.93 -40.11
C GLN D 390 -8.40 43.81 -38.88
N ARG D 391 -8.83 45.07 -38.97
CA ARG D 391 -8.79 46.01 -37.87
C ARG D 391 -10.02 45.93 -36.98
N HIS D 392 -10.73 44.81 -37.01
CA HIS D 392 -11.92 44.60 -36.20
C HIS D 392 -11.57 43.65 -35.06
N SER D 393 -11.73 44.12 -33.82
CA SER D 393 -11.47 43.34 -32.60
C SER D 393 -10.05 42.81 -32.54
N PHE D 394 -9.12 43.48 -33.19
CA PHE D 394 -7.71 43.12 -33.10
C PHE D 394 -6.82 44.30 -32.71
N GLN D 395 -7.12 45.50 -33.18
CA GLN D 395 -6.25 46.64 -32.92
C GLN D 395 -6.49 47.21 -31.53
N ILE D 396 -7.75 47.31 -31.10
CA ILE D 396 -8.03 47.81 -29.77
C ILE D 396 -7.68 46.77 -28.70
N SER D 397 -7.80 45.49 -29.05
CA SER D 397 -7.39 44.42 -28.13
C SER D 397 -5.89 44.48 -27.87
N LEU D 398 -5.10 44.48 -28.95
CA LEU D 398 -3.66 44.61 -28.78
C LEU D 398 -3.28 45.94 -28.16
N HIS D 399 -4.05 47.00 -28.45
CA HIS D 399 -3.81 48.31 -27.84
C HIS D 399 -3.89 48.22 -26.32
N PHE D 400 -5.00 47.71 -25.79
CA PHE D 400 -5.17 47.66 -24.35
C PHE D 400 -4.26 46.63 -23.70
N THR D 401 -3.96 45.53 -24.38
CA THR D 401 -3.07 44.55 -23.78
C THR D 401 -1.62 45.04 -23.76
N VAL D 402 -1.20 45.82 -24.77
CA VAL D 402 0.10 46.48 -24.69
C VAL D 402 0.10 47.53 -23.59
N CYS D 403 -1.04 48.19 -23.39
CA CYS D 403 -1.15 49.12 -22.26
C CYS D 403 -0.93 48.41 -20.93
N LEU D 404 -1.43 47.18 -20.81
CA LEU D 404 -1.16 46.40 -19.59
C LEU D 404 0.31 45.97 -19.50
N MET D 405 0.86 45.47 -20.61
CA MET D 405 2.25 45.02 -20.64
C MET D 405 3.22 46.17 -20.38
N ASN D 406 2.80 47.41 -20.60
CA ASN D 406 3.60 48.55 -20.16
C ASN D 406 3.20 49.07 -18.79
N PHE D 407 1.98 48.76 -18.33
CA PHE D 407 1.57 49.09 -16.97
C PHE D 407 2.32 48.26 -15.95
N ASN D 408 2.91 47.14 -16.37
CA ASN D 408 3.80 46.40 -15.47
C ASN D 408 4.92 47.29 -14.93
N CYS D 409 5.37 48.27 -15.73
CA CYS D 409 6.49 49.11 -15.32
C CYS D 409 6.15 49.98 -14.13
N CYS D 410 4.89 50.39 -13.98
CA CYS D 410 4.48 51.12 -12.80
C CYS D 410 3.90 50.22 -11.72
N MET D 411 3.51 48.99 -12.06
CA MET D 411 3.19 48.03 -11.01
C MET D 411 4.44 47.38 -10.42
N ASP D 412 5.61 47.63 -10.99
CA ASP D 412 6.85 47.06 -10.50
C ASP D 412 7.35 47.62 -9.17
N PRO D 413 7.16 48.91 -8.85
CA PRO D 413 7.43 49.33 -7.46
C PRO D 413 6.60 48.62 -6.41
N PHE D 414 5.42 48.11 -6.79
CA PHE D 414 4.60 47.36 -5.86
C PHE D 414 5.28 46.05 -5.48
N ILE D 415 6.13 45.52 -6.36
CA ILE D 415 6.96 44.37 -6.00
C ILE D 415 7.95 44.76 -4.91
N TYR D 416 8.61 45.90 -5.08
CA TYR D 416 9.70 46.27 -4.17
C TYR D 416 9.17 46.66 -2.79
N PHE D 417 8.04 47.38 -2.75
CA PHE D 417 7.57 47.91 -1.47
C PHE D 417 7.13 46.82 -0.51
N PHE D 418 6.88 45.61 -1.00
CA PHE D 418 6.58 44.47 -0.16
C PHE D 418 7.61 43.35 -0.24
N ALA D 419 8.59 43.44 -1.14
CA ALA D 419 9.46 42.31 -1.43
C ALA D 419 10.92 42.57 -1.12
N CYS D 420 11.53 43.60 -1.69
CA CYS D 420 12.99 43.75 -1.63
C CYS D 420 13.36 45.19 -2.02
N LYS D 421 14.67 45.43 -2.12
CA LYS D 421 15.25 46.70 -2.57
C LYS D 421 14.83 47.87 -1.67
N GLY D 422 15.25 47.80 -0.41
CA GLY D 422 15.10 48.91 0.51
C GLY D 422 13.68 49.27 0.88
N TYR D 423 13.02 48.40 1.66
CA TYR D 423 11.66 48.64 2.09
C TYR D 423 11.55 49.64 3.24
N LYS D 424 12.64 50.35 3.56
CA LYS D 424 12.61 51.31 4.66
C LYS D 424 11.66 52.47 4.35
N ARG D 425 11.92 53.20 3.26
CA ARG D 425 11.01 54.27 2.87
C ARG D 425 9.67 53.74 2.39
N LYS D 426 9.62 52.47 1.95
CA LYS D 426 8.34 51.85 1.62
C LYS D 426 7.46 51.71 2.85
N VAL D 427 8.05 51.34 3.99
CA VAL D 427 7.30 51.31 5.24
C VAL D 427 7.02 52.73 5.71
N MET D 428 7.98 53.62 5.52
CA MET D 428 7.80 55.04 5.87
C MET D 428 6.88 55.72 4.86
C10 KKF E . 3.52 49.36 -29.93
C12 KKF E . 3.61 50.23 -27.45
C13 KKF E . 2.64 48.18 -30.38
C14 KKF E . 4.41 46.80 -29.38
C15 KKF E . 5.64 50.92 -28.18
C16 KKF E . 4.06 52.83 -27.67
C17 KKF E . 2.81 45.64 -30.99
C18 KKF E . 2.83 53.17 -28.52
C19 KKF E . 3.40 44.23 -30.95
C20 KKF E . 1.54 53.07 -28.01
C22 KKF E . 3.28 43.17 -31.78
C23 KKF E . 0.41 53.36 -28.77
C09 KKF E . 4.18 49.26 -28.55
C11 KKF E . 4.30 47.78 -28.20
C21 KKF E . 2.91 53.59 -29.86
C24 KKF E . 1.78 53.90 -30.63
C25 KKF E . 0.51 53.78 -30.09
C26 KKF E . 3.90 41.77 -31.69
C27 KKF E . 5.20 41.48 -32.14
C28 KKF E . 3.25 40.65 -31.16
C29 KKF E . 5.80 40.23 -32.07
C30 KKF E . 3.81 39.37 -31.07
C31 KKF E . 5.10 39.16 -31.53
N07 KKF E . 3.25 46.80 -30.29
N08 KKF E . 4.45 51.41 -27.74
O04 KKF E . 5.52 49.70 -28.74
O05 KKF E . 6.80 51.39 -28.12
O06 KKF E . 1.82 45.83 -31.72
CL01 KKF E . -1.13 53.22 -28.11
CL02 KKF E . -0.87 54.14 -31.00
CL03 KKF E . 5.81 37.60 -31.44
#